data_7WV9
#
_entry.id   7WV9
#
_cell.length_a   1.00
_cell.length_b   1.00
_cell.length_c   1.00
_cell.angle_alpha   90.00
_cell.angle_beta   90.00
_cell.angle_gamma   90.00
#
_symmetry.space_group_name_H-M   'P 1'
#
loop_
_entity.id
_entity.type
_entity.pdbx_description
1 polymer 'Guanine nucleotide-binding protein G(i) subunit alpha-2'
2 polymer 'Guanine nucleotide-binding protein G(I)/G(S)/G(T) subunit beta-1'
3 polymer 'Guanine nucleotide-binding protein G(I)/G(S)/G(O) subunit gamma-2'
4 polymer 'Cannabinoid receptor 1'
5 polymer ScFv16
6 non-polymer 2-[(1R,2R,5R)-5-hydroxy-2-(3-hydroxypropyl)cyclohexyl]-5-(2-methyloctan-2-yl)phenol
7 non-polymer 6-methyl-3-[(1S)-2-nitro-1-thiophen-2-yl-ethyl]-2-phenyl-1H-indole
#
loop_
_entity_poly.entity_id
_entity_poly.type
_entity_poly.pdbx_seq_one_letter_code
_entity_poly.pdbx_strand_id
1 'polypeptide(L)'
;MGCTVSAEDKAAAERSKMIDKNLREDGEKAAREVKLLLLGAGESGKNTIVKQMKIIHEDGYSEEECRQYRAVVYSNTIQS
IMAIVKAMGNLQIDFADPSRADDARQLFALSCTAEEQGVLPDDLSGVIRRLWADHGVQACFGRSREYQLNDSAAYYLNDL
ERIAQSDYIPTQQDVLRTRVKTTGIVETHFTFKDLHFKMFDVGAQRSERKKWIHCFEGVTAIIFCVALSAYDLVLAEDEE
MNRMHASMKLFDSICNNKWFTDTSIILFLNKKDLFEEKITHSPLTICFPEYTGANKYDEAASYIQSKFEDLNKRKDTKEI
YTHFTCSTDTKNVQFVFDAVTDVIIKNNLKDCGLF
;
A
2 'polypeptide(L)'
;MHHHHHHHENLYFQGGSLLQSELDQLRQEAEQLKNQIRDARKACADATLSQITNNIDPVGRIQMRTRRTLRGHLAKIYAM
HWGTDSRLLVSASQDGKLIIWDSYTTNKVHAIPLRSSWVMTCAYAPSGNYVACGGLDNICSIYNLKTREGNVRVSRELAG
HTGYLSCCRFLDDNQIVTSSGDTTCALWDIETGQQTTTFTGHTGDVMSLSLAPDTRLFVSGACDASAKLWDVREGMCRQT
FTGHESDINAICFFPNGNAFATGSDDATCRLFDLRADQELMTYSHDNIICGITSVSFSKSGRLLLAGYDDFNCNVWDALK
ADRAGVLAGHDNRVSCLGVTDDGMAVATGSWDSFLKIWN
;
B
3 'polypeptide(L)' MASNNTASIAQARKLVEQLKMEANIDRIKVSKAAADLMAYCEAHAKEDPLLTPVPASENPFREKKFFCAIL C
4 'polypeptide(L)'
;MKSILDGLADTTFRTITTDLLYVGSNDIQYEDIKGDMASKLGYFPQKFPLTSFRGSPFQEKMTAGDNPQLVPADQVNITE
FYNKSLSSFKENEENIQCGENFMDIECFMVLNPSQQLAIAVLSLTLGTFTVLENLLVLCVILHSRSLRCRPSYHFIGSLA
VADLLGSVIFVYSFIDFHVFHRKDSRNVFLFKLGGVTASFTASVGSLFLTAIDRYISIHRPLAYKRIVTRPKAVVAFCLM
WTIAIVIAVLPLLGWNCEKLQSVCSDIFPHIDETYLMFWIGVTSVLLLFIVYAYMYILWKAHSHAVRMIQRGTQKSIIIH
TSEDGKVQVTRPDQARMDIRLAKTLVLILVVLIICWGPLLAIMVYDVFGKMNKLIKTVFAFCSMLCLLNSTVNPIIYALR
SKDLRHAFRSMFPSCEGTAQPLDNSMGDSDCLHKHANNAASVHRAAESCIKSTVKIAKVTMSVSTDTSAEAL
;
R
5 'polypeptide(L)'
;DVQLVESGGGLVQPGGSRKLSCSASGFAFSSFGMHWVRQAPEKGLEWVAYISSGSGTIYYADTVKGRFTISRDDPKNTLF
LQMTSLRSEDTAMYYCVRSIYYYGSSPFDFWGQGTTLTVSSGGGGSGGGGSGGGGSDIVMTQATSSVPVTPGESVSISCR
SSKSLLHSNGNTYLYWFLQRPGQSPQLLIYRMSNLASGVPDRFSGSGSGTAFTLTISRLEAEDVGVYYCMQHLEYPLTFG
AGTKLELKAAAENLYFQGHHHHHHHH
;
S
#
loop_
_chem_comp.id
_chem_comp.type
_chem_comp.name
_chem_comp.formula
7IC non-polymer 6-methyl-3-[(1S)-2-nitro-1-thiophen-2-yl-ethyl]-2-phenyl-1H-indole 'C21 H18 N2 O2 S'
9GF non-polymer 2-[(1R,2R,5R)-5-hydroxy-2-(3-hydroxypropyl)cyclohexyl]-5-(2-methyloctan-2-yl)phenol 'C24 H40 O3'
#
# COMPACT_ATOMS: atom_id res chain seq x y z
N THR A 4 23.39 11.11 11.78
CA THR A 4 24.77 11.33 12.20
C THR A 4 25.63 10.10 11.89
N VAL A 5 25.24 9.40 10.84
CA VAL A 5 25.96 8.15 10.51
C VAL A 5 27.10 8.49 9.57
N SER A 6 27.65 7.49 8.90
CA SER A 6 28.78 7.71 8.00
C SER A 6 28.33 8.53 6.79
N ALA A 7 29.31 8.86 5.94
CA ALA A 7 29.02 9.71 4.79
C ALA A 7 28.07 9.04 3.81
N GLU A 8 28.09 7.71 3.73
CA GLU A 8 27.16 7.02 2.84
C GLU A 8 25.73 7.16 3.31
N ASP A 9 25.47 6.89 4.59
CA ASP A 9 24.11 6.86 5.11
C ASP A 9 23.50 8.25 5.25
N LYS A 10 24.30 9.26 5.60
CA LYS A 10 23.76 10.61 5.71
C LYS A 10 23.24 11.16 4.39
N ALA A 11 23.66 10.56 3.26
CA ALA A 11 23.13 10.93 1.96
C ALA A 11 22.19 9.89 1.38
N ALA A 12 22.18 8.69 1.94
CA ALA A 12 21.19 7.68 1.53
C ALA A 12 19.93 7.78 2.40
N ALA A 13 19.83 8.61 3.44
CA ALA A 13 18.56 8.74 4.17
C ALA A 13 17.88 9.97 3.66
N GLU A 14 18.39 10.51 2.58
CA GLU A 14 17.61 11.60 2.02
C GLU A 14 16.86 11.01 0.83
N ARG A 15 17.22 9.83 0.26
CA ARG A 15 16.52 9.17 -0.83
C ARG A 15 15.13 8.73 -0.38
N SER A 16 15.04 8.18 0.82
CA SER A 16 13.74 7.88 1.41
C SER A 16 12.88 9.13 1.52
N LYS A 17 13.48 10.27 1.85
CA LYS A 17 12.70 11.50 1.98
C LYS A 17 12.07 11.91 0.66
N MET A 18 12.86 11.97 -0.42
CA MET A 18 12.27 12.31 -1.71
C MET A 18 11.28 11.25 -2.20
N ILE A 19 11.56 9.96 -2.01
CA ILE A 19 10.62 8.96 -2.50
C ILE A 19 9.32 9.01 -1.72
N ASP A 20 9.39 9.23 -0.40
CA ASP A 20 8.18 9.40 0.39
C ASP A 20 7.39 10.61 -0.07
N LYS A 21 8.04 11.68 -0.48
CA LYS A 21 7.32 12.92 -0.84
C LYS A 21 6.71 12.74 -2.21
N ASN A 22 7.37 11.98 -3.07
CA ASN A 22 6.77 11.69 -4.37
C ASN A 22 5.58 10.75 -4.23
N LEU A 23 5.72 9.72 -3.40
CA LEU A 23 4.63 8.74 -3.22
C LEU A 23 3.42 9.39 -2.59
N ARG A 24 3.61 10.18 -1.53
CA ARG A 24 2.49 10.82 -0.87
C ARG A 24 1.90 11.97 -1.68
N GLU A 25 2.66 12.52 -2.63
CA GLU A 25 2.12 13.52 -3.54
C GLU A 25 1.33 12.90 -4.68
N ASP A 26 1.76 11.75 -5.21
CA ASP A 26 1.07 11.09 -6.30
C ASP A 26 0.02 10.09 -5.83
N GLY A 27 -0.11 9.87 -4.52
CA GLY A 27 -1.15 9.02 -4.00
C GLY A 27 -2.45 9.73 -3.69
N GLU A 28 -2.42 11.05 -3.59
CA GLU A 28 -3.63 11.85 -3.39
C GLU A 28 -4.16 12.45 -4.69
N LYS A 29 -3.36 12.40 -5.76
CA LYS A 29 -3.84 12.87 -7.06
C LYS A 29 -4.80 11.87 -7.70
N ALA A 30 -4.64 10.59 -7.40
CA ALA A 30 -5.49 9.54 -7.96
C ALA A 30 -6.66 9.19 -7.06
N ALA A 31 -6.78 9.85 -5.91
CA ALA A 31 -7.91 9.65 -5.01
C ALA A 31 -9.06 10.61 -5.27
N ARG A 32 -8.94 11.47 -6.27
CA ARG A 32 -9.98 12.41 -6.65
C ARG A 32 -10.81 11.93 -7.83
N GLU A 33 -10.67 10.65 -8.21
CA GLU A 33 -11.32 10.11 -9.39
C GLU A 33 -12.24 8.96 -9.01
N VAL A 34 -13.38 8.89 -9.68
CA VAL A 34 -14.34 7.82 -9.52
C VAL A 34 -14.04 6.73 -10.54
N LYS A 35 -14.25 5.47 -10.15
CA LYS A 35 -13.97 4.32 -10.99
C LYS A 35 -15.27 3.58 -11.29
N LEU A 36 -15.62 3.45 -12.57
CA LEU A 36 -16.86 2.83 -13.00
C LEU A 36 -16.56 1.56 -13.78
N LEU A 37 -16.98 0.42 -13.24
CA LEU A 37 -16.84 -0.84 -13.94
C LEU A 37 -17.99 -1.02 -14.93
N LEU A 38 -17.76 -1.84 -15.95
CA LEU A 38 -18.79 -2.20 -16.92
C LEU A 38 -18.72 -3.72 -17.18
N LEU A 39 -18.77 -4.50 -16.10
CA LEU A 39 -18.72 -5.95 -16.23
C LEU A 39 -19.85 -6.47 -17.13
N GLY A 40 -20.96 -5.74 -17.21
CA GLY A 40 -22.03 -6.13 -18.10
C GLY A 40 -21.69 -5.88 -19.55
N ALA A 41 -22.60 -6.30 -20.43
CA ALA A 41 -22.40 -6.15 -21.86
C ALA A 41 -22.30 -4.66 -22.22
N GLY A 42 -21.29 -4.33 -23.03
CA GLY A 42 -21.09 -2.96 -23.45
C GLY A 42 -21.06 -2.79 -24.95
N GLU A 43 -20.72 -3.88 -25.66
CA GLU A 43 -20.70 -3.83 -27.12
C GLU A 43 -22.09 -3.75 -27.74
N SER A 44 -23.14 -3.98 -26.95
CA SER A 44 -24.50 -3.90 -27.49
C SER A 44 -24.83 -2.49 -27.96
N GLY A 45 -24.91 -1.54 -27.02
CA GLY A 45 -25.21 -0.18 -27.38
C GLY A 45 -24.40 0.86 -26.63
N LYS A 46 -23.57 0.41 -25.69
CA LYS A 46 -22.83 1.35 -24.84
C LYS A 46 -21.65 1.98 -25.56
N ASN A 47 -21.18 1.34 -26.64
CA ASN A 47 -20.10 1.95 -27.44
C ASN A 47 -20.58 3.31 -27.92
N THR A 48 -21.76 3.32 -28.54
CA THR A 48 -22.33 4.56 -29.05
C THR A 48 -22.42 5.60 -27.95
N ILE A 49 -22.82 5.19 -26.75
CA ILE A 49 -22.88 6.11 -25.61
C ILE A 49 -21.49 6.66 -25.30
N VAL A 50 -20.47 5.82 -25.36
CA VAL A 50 -19.10 6.27 -25.17
C VAL A 50 -18.77 7.36 -26.18
N LYS A 51 -19.15 7.13 -27.45
CA LYS A 51 -18.95 8.18 -28.45
C LYS A 51 -19.82 9.41 -28.21
N GLN A 52 -20.89 9.29 -27.42
CA GLN A 52 -21.76 10.43 -27.16
C GLN A 52 -21.17 11.43 -26.16
N MET A 53 -20.43 10.97 -25.16
CA MET A 53 -19.88 11.88 -24.16
C MET A 53 -18.90 12.87 -24.79
N LYS A 54 -18.06 12.39 -25.70
CA LYS A 54 -17.10 13.28 -26.37
C LYS A 54 -16.79 12.77 -27.77
N THR A 183 -5.39 -7.26 -27.49
CA THR A 183 -6.53 -6.65 -26.81
C THR A 183 -6.35 -6.71 -25.30
N GLY A 184 -7.08 -5.85 -24.59
CA GLY A 184 -6.98 -5.81 -23.15
C GLY A 184 -7.97 -4.85 -22.55
N ILE A 185 -7.73 -4.51 -21.27
CA ILE A 185 -8.59 -3.57 -20.57
C ILE A 185 -8.60 -2.24 -21.30
N VAL A 186 -9.78 -1.68 -21.50
CA VAL A 186 -9.94 -0.39 -22.16
C VAL A 186 -10.24 0.65 -21.09
N GLU A 187 -9.33 1.60 -20.92
CA GLU A 187 -9.50 2.66 -19.93
C GLU A 187 -9.99 3.92 -20.64
N THR A 188 -11.14 4.43 -20.21
CA THR A 188 -11.70 5.65 -20.75
C THR A 188 -11.73 6.70 -19.66
N HIS A 189 -11.35 7.93 -20.00
CA HIS A 189 -11.30 9.03 -19.04
C HIS A 189 -12.24 10.13 -19.49
N PHE A 190 -13.17 10.52 -18.63
CA PHE A 190 -14.01 11.68 -18.94
C PHE A 190 -14.25 12.48 -17.67
N THR A 191 -14.95 13.60 -17.81
CA THR A 191 -15.16 14.48 -16.66
C THR A 191 -16.38 15.36 -16.89
N PHE A 192 -17.04 15.70 -15.79
CA PHE A 192 -18.12 16.69 -15.75
C PHE A 192 -18.46 16.95 -14.29
N LYS A 193 -18.89 18.18 -14.01
CA LYS A 193 -19.29 18.60 -12.66
C LYS A 193 -18.17 18.34 -11.65
N ASP A 194 -16.93 18.64 -12.06
CA ASP A 194 -15.75 18.53 -11.19
C ASP A 194 -15.53 17.11 -10.68
N LEU A 195 -15.91 16.11 -11.48
CA LEU A 195 -15.66 14.71 -11.16
C LEU A 195 -15.05 14.02 -12.37
N HIS A 196 -13.90 13.38 -12.16
CA HIS A 196 -13.21 12.64 -13.21
C HIS A 196 -13.57 11.16 -13.11
N PHE A 197 -14.12 10.62 -14.18
CA PHE A 197 -14.58 9.24 -14.22
C PHE A 197 -13.64 8.38 -15.05
N LYS A 198 -13.28 7.23 -14.49
CA LYS A 198 -12.45 6.21 -15.13
C LYS A 198 -13.34 5.03 -15.46
N MET A 199 -13.72 4.91 -16.73
CA MET A 199 -14.55 3.81 -17.22
C MET A 199 -13.66 2.63 -17.59
N PHE A 200 -13.89 1.48 -16.96
CA PHE A 200 -13.09 0.29 -17.21
C PHE A 200 -13.85 -0.64 -18.15
N ASP A 201 -13.83 -0.30 -19.44
CA ASP A 201 -14.49 -1.12 -20.46
C ASP A 201 -13.67 -2.40 -20.65
N VAL A 202 -14.16 -3.49 -20.08
CA VAL A 202 -13.54 -4.81 -20.24
C VAL A 202 -14.33 -5.51 -21.34
N GLY A 203 -13.93 -5.29 -22.59
CA GLY A 203 -14.63 -5.88 -23.71
C GLY A 203 -13.90 -7.02 -24.39
N ALA A 204 -12.60 -6.91 -24.58
CA ALA A 204 -11.96 -7.98 -25.39
C ALA A 204 -11.04 -8.87 -24.57
N GLN A 205 -11.27 -8.94 -23.28
CA GLN A 205 -10.47 -9.84 -22.44
C GLN A 205 -10.61 -11.28 -22.92
N ARG A 206 -11.84 -11.77 -23.07
CA ARG A 206 -12.12 -13.11 -23.57
C ARG A 206 -11.38 -14.18 -22.78
N SER A 207 -11.59 -14.14 -21.46
CA SER A 207 -10.98 -15.10 -20.55
C SER A 207 -11.97 -15.38 -19.42
N GLU A 208 -11.49 -16.06 -18.37
CA GLU A 208 -12.34 -16.33 -17.22
C GLU A 208 -12.70 -15.03 -16.52
N ARG A 209 -13.98 -14.87 -16.20
CA ARG A 209 -14.46 -13.64 -15.57
C ARG A 209 -14.34 -13.66 -14.05
N LYS A 210 -13.85 -14.75 -13.47
CA LYS A 210 -13.75 -14.86 -12.03
C LYS A 210 -12.34 -14.57 -11.50
N LYS A 211 -11.31 -14.77 -12.32
CA LYS A 211 -9.95 -14.63 -11.83
C LYS A 211 -9.56 -13.16 -11.67
N TRP A 212 -9.93 -12.32 -12.62
CA TRP A 212 -9.54 -10.91 -12.59
C TRP A 212 -10.64 -10.00 -12.07
N ILE A 213 -11.72 -10.56 -11.51
CA ILE A 213 -12.83 -9.72 -11.06
C ILE A 213 -12.53 -9.06 -9.71
N HIS A 214 -11.70 -9.66 -8.87
CA HIS A 214 -11.37 -9.03 -7.59
C HIS A 214 -10.50 -7.80 -7.74
N CYS A 215 -9.86 -7.63 -8.89
CA CYS A 215 -9.06 -6.44 -9.14
C CYS A 215 -9.90 -5.17 -9.24
N PHE A 216 -11.17 -5.30 -9.61
CA PHE A 216 -12.07 -4.17 -9.74
C PHE A 216 -12.90 -3.94 -8.49
N GLU A 217 -12.66 -4.69 -7.42
CA GLU A 217 -13.37 -4.47 -6.17
C GLU A 217 -13.08 -3.07 -5.62
N GLY A 218 -14.12 -2.41 -5.14
CA GLY A 218 -14.00 -1.06 -4.64
C GLY A 218 -14.46 0.02 -5.59
N VAL A 219 -14.89 -0.34 -6.80
CA VAL A 219 -15.42 0.67 -7.72
C VAL A 219 -16.73 1.22 -7.17
N THR A 220 -17.05 2.45 -7.59
CA THR A 220 -18.28 3.09 -7.11
C THR A 220 -19.51 2.44 -7.70
N ALA A 221 -19.52 2.19 -9.01
CA ALA A 221 -20.72 1.72 -9.68
C ALA A 221 -20.35 0.80 -10.84
N ILE A 222 -21.33 -0.02 -11.22
CA ILE A 222 -21.21 -0.96 -12.33
C ILE A 222 -22.30 -0.61 -13.34
N ILE A 223 -21.89 -0.17 -14.53
CA ILE A 223 -22.83 0.20 -15.58
C ILE A 223 -23.18 -1.04 -16.39
N PHE A 224 -24.41 -1.53 -16.23
CA PHE A 224 -24.96 -2.62 -17.01
C PHE A 224 -25.78 -2.04 -18.15
N CYS A 225 -25.81 -2.73 -19.29
CA CYS A 225 -26.46 -2.18 -20.47
C CYS A 225 -27.28 -3.23 -21.18
N VAL A 226 -28.46 -2.82 -21.65
CA VAL A 226 -29.36 -3.68 -22.42
C VAL A 226 -29.85 -2.90 -23.63
N ALA A 227 -29.86 -3.57 -24.79
CA ALA A 227 -30.25 -2.94 -26.03
C ALA A 227 -31.75 -2.75 -26.17
N LEU A 228 -32.56 -3.46 -25.38
CA LEU A 228 -34.01 -3.33 -25.33
C LEU A 228 -34.67 -3.50 -26.70
N SER A 229 -34.07 -4.28 -27.59
CA SER A 229 -34.61 -4.51 -28.92
C SER A 229 -34.49 -5.98 -29.30
N ALA A 230 -34.89 -6.87 -28.39
CA ALA A 230 -34.73 -8.29 -28.60
C ALA A 230 -36.05 -9.05 -28.58
N TYR A 231 -36.92 -8.78 -27.62
CA TYR A 231 -38.25 -9.40 -27.62
C TYR A 231 -39.05 -8.99 -28.85
N ASP A 232 -39.00 -7.71 -29.21
CA ASP A 232 -39.70 -7.27 -30.41
C ASP A 232 -39.05 -7.82 -31.67
N LEU A 233 -37.72 -7.82 -31.73
CA LEU A 233 -37.02 -8.32 -32.91
C LEU A 233 -36.95 -9.83 -32.96
N VAL A 234 -36.91 -10.49 -31.80
CA VAL A 234 -36.69 -11.93 -31.70
C VAL A 234 -35.38 -12.25 -32.41
N LEU A 235 -34.29 -11.63 -31.96
CA LEU A 235 -32.99 -11.85 -32.60
C LEU A 235 -32.42 -13.21 -32.21
N ALA A 236 -32.52 -13.57 -30.93
CA ALA A 236 -32.18 -14.90 -30.43
C ALA A 236 -30.75 -15.32 -30.76
N GLU A 237 -30.60 -16.21 -31.74
CA GLU A 237 -29.38 -16.80 -32.29
C GLU A 237 -28.49 -17.46 -31.25
N ASP A 238 -28.94 -17.60 -30.00
CA ASP A 238 -28.18 -18.32 -28.98
C ASP A 238 -28.67 -19.77 -28.88
N GLU A 239 -28.58 -20.46 -30.02
CA GLU A 239 -29.08 -21.84 -30.14
C GLU A 239 -30.56 -21.90 -29.75
N GLU A 240 -31.38 -21.22 -30.57
CA GLU A 240 -32.83 -21.12 -30.37
C GLU A 240 -33.20 -20.58 -28.99
N MET A 241 -32.34 -19.75 -28.41
CA MET A 241 -32.61 -19.11 -27.12
C MET A 241 -32.53 -17.60 -27.28
N ASN A 242 -33.53 -16.91 -26.72
CA ASN A 242 -33.55 -15.45 -26.77
C ASN A 242 -32.40 -14.88 -25.96
N ARG A 243 -31.86 -13.76 -26.45
CA ARG A 243 -30.69 -13.16 -25.81
C ARG A 243 -30.96 -12.72 -24.37
N MET A 244 -32.21 -12.34 -24.06
CA MET A 244 -32.51 -11.83 -22.73
C MET A 244 -32.38 -12.90 -21.65
N HIS A 245 -32.55 -14.18 -21.98
CA HIS A 245 -32.24 -15.20 -20.98
C HIS A 245 -30.76 -15.13 -20.59
N ALA A 246 -29.87 -14.97 -21.58
CA ALA A 246 -28.46 -14.79 -21.26
C ALA A 246 -28.21 -13.50 -20.49
N SER A 247 -28.92 -12.42 -20.84
CA SER A 247 -28.75 -11.16 -20.13
C SER A 247 -29.17 -11.29 -18.66
N MET A 248 -30.24 -12.05 -18.45
CA MET A 248 -30.76 -12.28 -17.08
C MET A 248 -29.67 -13.03 -16.37
N LYS A 249 -29.20 -14.10 -16.97
CA LYS A 249 -28.18 -14.92 -16.34
C LYS A 249 -26.98 -14.08 -15.92
N LEU A 250 -26.53 -13.19 -16.80
CA LEU A 250 -25.43 -12.29 -16.46
C LEU A 250 -25.78 -11.39 -15.30
N PHE A 251 -27.00 -10.83 -15.30
CA PHE A 251 -27.41 -9.93 -14.23
C PHE A 251 -27.48 -10.66 -12.89
N ASP A 252 -27.97 -11.90 -12.90
CA ASP A 252 -28.01 -12.68 -11.66
C ASP A 252 -26.59 -13.02 -11.19
N SER A 253 -25.69 -13.33 -12.13
CA SER A 253 -24.32 -13.64 -11.76
C SER A 253 -23.62 -12.42 -11.16
N ILE A 254 -23.87 -11.23 -11.71
CA ILE A 254 -23.15 -10.05 -11.24
C ILE A 254 -23.80 -9.42 -10.01
N CYS A 255 -25.12 -9.54 -9.85
CA CYS A 255 -25.81 -8.91 -8.74
C CYS A 255 -25.65 -9.67 -7.43
N ASN A 256 -25.31 -10.96 -7.49
CA ASN A 256 -25.09 -11.76 -6.30
C ASN A 256 -23.61 -12.02 -6.02
N ASN A 257 -22.73 -11.34 -6.74
CA ASN A 257 -21.30 -11.55 -6.56
C ASN A 257 -20.85 -11.06 -5.19
N LYS A 258 -19.89 -11.76 -4.61
CA LYS A 258 -19.43 -11.44 -3.26
C LYS A 258 -18.61 -10.15 -3.22
N TRP A 259 -17.96 -9.79 -4.33
CA TRP A 259 -17.12 -8.60 -4.34
C TRP A 259 -17.90 -7.31 -4.54
N PHE A 260 -19.17 -7.39 -4.93
CA PHE A 260 -19.97 -6.22 -5.24
C PHE A 260 -21.25 -6.15 -4.43
N THR A 261 -21.23 -6.67 -3.20
CA THR A 261 -22.42 -6.62 -2.37
C THR A 261 -22.77 -5.19 -1.95
N ASP A 262 -21.77 -4.32 -1.82
CA ASP A 262 -22.01 -2.94 -1.45
C ASP A 262 -22.04 -2.00 -2.65
N THR A 263 -21.93 -2.52 -3.87
CA THR A 263 -21.93 -1.72 -5.08
C THR A 263 -23.29 -1.77 -5.73
N SER A 264 -23.83 -0.61 -6.09
CA SER A 264 -25.16 -0.50 -6.68
C SER A 264 -25.06 -0.52 -8.19
N ILE A 265 -25.68 -1.51 -8.82
CA ILE A 265 -25.68 -1.59 -10.28
C ILE A 265 -26.51 -0.45 -10.85
N ILE A 266 -26.07 0.07 -12.00
CA ILE A 266 -26.77 1.14 -12.71
C ILE A 266 -27.05 0.64 -14.12
N LEU A 267 -28.33 0.49 -14.46
CA LEU A 267 -28.73 -0.14 -15.72
C LEU A 267 -29.16 0.92 -16.72
N PHE A 268 -28.67 0.77 -17.96
CA PHE A 268 -29.09 1.59 -19.09
C PHE A 268 -29.85 0.73 -20.08
N LEU A 269 -30.89 1.30 -20.68
CA LEU A 269 -31.68 0.66 -21.72
C LEU A 269 -31.64 1.54 -22.96
N ASN A 270 -31.17 0.98 -24.07
CA ASN A 270 -30.95 1.74 -25.29
C ASN A 270 -31.99 1.36 -26.35
N LYS A 271 -31.88 1.98 -27.52
CA LYS A 271 -32.71 1.70 -28.68
C LYS A 271 -34.20 1.80 -28.34
N LYS A 272 -34.56 2.89 -27.66
CA LYS A 272 -35.96 3.11 -27.30
C LYS A 272 -36.82 3.36 -28.53
N ASP A 273 -36.32 4.16 -29.48
CA ASP A 273 -37.11 4.52 -30.65
C ASP A 273 -37.41 3.29 -31.50
N LEU A 274 -36.40 2.46 -31.76
CA LEU A 274 -36.62 1.26 -32.56
C LEU A 274 -37.59 0.32 -31.87
N PHE A 275 -37.43 0.14 -30.55
CA PHE A 275 -38.34 -0.73 -29.81
C PHE A 275 -39.78 -0.23 -29.90
N GLU A 276 -39.98 1.07 -29.68
CA GLU A 276 -41.35 1.60 -29.69
C GLU A 276 -41.92 1.63 -31.11
N GLU A 277 -41.08 1.62 -32.13
CA GLU A 277 -41.60 1.66 -33.49
C GLU A 277 -41.90 0.26 -34.04
N LYS A 278 -41.19 -0.77 -33.58
CA LYS A 278 -41.45 -2.12 -34.07
C LYS A 278 -42.07 -3.03 -33.01
N ILE A 279 -42.52 -2.48 -31.88
CA ILE A 279 -43.21 -3.31 -30.89
C ILE A 279 -44.64 -3.63 -31.31
N THR A 280 -45.21 -2.88 -32.25
CA THR A 280 -46.62 -3.05 -32.59
C THR A 280 -46.90 -4.44 -33.16
N HIS A 281 -46.12 -4.86 -34.15
CA HIS A 281 -46.38 -6.13 -34.81
C HIS A 281 -45.76 -7.32 -34.09
N SER A 282 -44.90 -7.09 -33.12
CA SER A 282 -44.18 -8.17 -32.47
C SER A 282 -45.02 -8.79 -31.35
N PRO A 283 -45.30 -10.09 -31.39
CA PRO A 283 -46.01 -10.74 -30.27
C PRO A 283 -45.05 -11.09 -29.14
N LEU A 284 -45.23 -10.42 -28.01
CA LEU A 284 -44.36 -10.67 -26.86
C LEU A 284 -44.70 -11.96 -26.13
N THR A 285 -45.99 -12.32 -26.09
CA THR A 285 -46.42 -13.50 -25.33
C THR A 285 -45.86 -14.79 -25.93
N ILE A 286 -45.59 -14.80 -27.23
CA ILE A 286 -45.06 -16.01 -27.87
C ILE A 286 -43.69 -16.35 -27.29
N CYS A 287 -42.84 -15.34 -27.10
CA CYS A 287 -41.52 -15.59 -26.52
C CYS A 287 -41.63 -16.12 -25.10
N PHE A 288 -42.51 -15.49 -24.33
CA PHE A 288 -42.66 -15.87 -22.89
C PHE A 288 -44.15 -15.87 -22.50
N PRO A 289 -44.83 -17.02 -22.16
CA PRO A 289 -46.26 -16.98 -21.86
C PRO A 289 -46.61 -16.35 -20.53
N GLU A 290 -45.63 -16.05 -19.68
CA GLU A 290 -45.94 -15.50 -18.36
C GLU A 290 -46.54 -14.10 -18.45
N TYR A 291 -46.22 -13.36 -19.50
CA TYR A 291 -46.74 -12.01 -19.65
C TYR A 291 -48.23 -12.04 -19.96
N THR A 292 -48.95 -11.05 -19.42
CA THR A 292 -50.41 -10.93 -19.63
C THR A 292 -50.78 -9.45 -19.70
N GLY A 293 -50.76 -8.85 -20.90
CA GLY A 293 -51.03 -7.43 -21.05
C GLY A 293 -51.24 -7.07 -22.50
N ALA A 294 -51.42 -5.78 -22.74
CA ALA A 294 -51.67 -5.27 -24.08
C ALA A 294 -50.34 -5.05 -24.80
N ASN A 295 -50.39 -4.40 -25.97
CA ASN A 295 -49.22 -4.16 -26.79
C ASN A 295 -48.70 -2.73 -26.68
N LYS A 296 -49.18 -1.99 -25.69
CA LYS A 296 -48.73 -0.59 -25.51
C LYS A 296 -47.25 -0.58 -25.09
N TYR A 297 -46.45 0.34 -25.63
CA TYR A 297 -45.03 0.38 -25.36
C TYR A 297 -44.73 0.81 -23.92
N ASP A 298 -45.67 1.52 -23.30
CA ASP A 298 -45.42 2.10 -21.95
C ASP A 298 -46.00 1.23 -20.84
N GLU A 299 -46.33 -0.02 -21.13
CA GLU A 299 -46.74 -0.93 -20.07
C GLU A 299 -46.16 -2.32 -20.29
N ALA A 300 -45.87 -2.68 -21.54
CA ALA A 300 -45.33 -4.00 -21.82
C ALA A 300 -43.91 -4.16 -21.29
N ALA A 301 -43.09 -3.10 -21.43
CA ALA A 301 -41.70 -3.19 -21.01
C ALA A 301 -41.56 -3.25 -19.49
N SER A 302 -42.56 -2.76 -18.78
CA SER A 302 -42.36 -2.71 -17.33
C SER A 302 -42.44 -4.11 -16.71
N TYR A 303 -43.09 -5.05 -17.39
CA TYR A 303 -43.24 -6.38 -16.82
C TYR A 303 -41.89 -7.07 -16.64
N ILE A 304 -41.00 -6.97 -17.64
CA ILE A 304 -39.76 -7.75 -17.62
C ILE A 304 -38.70 -7.17 -16.70
N GLN A 305 -38.89 -5.95 -16.19
CA GLN A 305 -37.91 -5.38 -15.26
C GLN A 305 -37.81 -6.21 -13.99
N SER A 306 -38.94 -6.71 -13.49
CA SER A 306 -38.84 -7.44 -12.20
C SER A 306 -38.20 -8.78 -12.47
N LYS A 307 -38.24 -9.21 -13.72
CA LYS A 307 -37.75 -10.57 -14.00
C LYS A 307 -36.34 -10.67 -13.43
N PHE A 308 -35.50 -9.67 -13.72
CA PHE A 308 -34.14 -9.65 -13.21
C PHE A 308 -33.97 -8.82 -11.94
N GLU A 309 -34.86 -7.85 -11.71
CA GLU A 309 -34.73 -7.04 -10.49
C GLU A 309 -35.10 -7.84 -9.26
N ASP A 310 -36.10 -8.73 -9.36
CA ASP A 310 -36.45 -9.58 -8.23
C ASP A 310 -35.40 -10.64 -7.96
N LEU A 311 -34.49 -10.89 -8.91
CA LEU A 311 -33.41 -11.84 -8.68
C LEU A 311 -32.42 -11.33 -7.64
N ASN A 312 -32.48 -10.05 -7.28
CA ASN A 312 -31.61 -9.51 -6.25
C ASN A 312 -31.88 -10.19 -4.91
N LYS A 313 -30.81 -10.64 -4.25
CA LYS A 313 -30.92 -11.28 -2.95
C LYS A 313 -30.68 -10.32 -1.80
N ARG A 314 -30.25 -9.08 -2.08
CA ARG A 314 -29.98 -8.08 -1.04
C ARG A 314 -30.55 -6.75 -1.52
N LYS A 315 -31.79 -6.47 -1.14
CA LYS A 315 -32.45 -5.23 -1.52
C LYS A 315 -32.10 -4.07 -0.60
N ASP A 316 -31.33 -4.31 0.47
CA ASP A 316 -31.04 -3.25 1.43
C ASP A 316 -30.10 -2.21 0.85
N THR A 317 -29.08 -2.63 0.10
CA THR A 317 -28.06 -1.69 -0.36
C THR A 317 -27.81 -1.77 -1.86
N LYS A 318 -28.01 -2.93 -2.46
CA LYS A 318 -27.70 -3.12 -3.88
C LYS A 318 -28.89 -2.71 -4.74
N GLU A 319 -29.16 -1.40 -4.74
CA GLU A 319 -30.24 -0.85 -5.53
C GLU A 319 -29.90 -0.89 -7.01
N ILE A 320 -30.93 -1.00 -7.84
CA ILE A 320 -30.79 -1.02 -9.29
C ILE A 320 -31.50 0.19 -9.88
N TYR A 321 -30.82 0.93 -10.74
CA TYR A 321 -31.35 2.13 -11.34
C TYR A 321 -31.58 1.91 -12.83
N THR A 322 -32.42 2.77 -13.42
CA THR A 322 -32.69 2.71 -14.85
C THR A 322 -32.89 4.13 -15.37
N HIS A 323 -32.64 4.32 -16.67
CA HIS A 323 -32.72 5.64 -17.27
C HIS A 323 -33.55 5.64 -18.55
N PHE A 324 -33.63 4.50 -19.23
CA PHE A 324 -34.31 4.37 -20.52
C PHE A 324 -33.71 5.34 -21.53
N THR A 325 -32.43 5.11 -21.85
CA THR A 325 -31.71 5.96 -22.77
C THR A 325 -32.25 5.82 -24.19
N CYS A 326 -31.94 6.81 -25.02
CA CYS A 326 -32.36 6.83 -26.41
C CYS A 326 -31.18 7.20 -27.30
N SER A 327 -31.20 6.80 -28.56
CA SER A 327 -30.02 7.18 -29.37
C SER A 327 -30.14 8.65 -29.76
N THR A 328 -31.36 9.19 -29.88
CA THR A 328 -31.47 10.63 -30.08
C THR A 328 -31.38 11.42 -28.79
N ASP A 329 -31.28 10.74 -27.64
CA ASP A 329 -31.21 11.44 -26.36
C ASP A 329 -29.89 12.22 -26.26
N THR A 330 -29.98 13.42 -25.70
CA THR A 330 -28.81 14.27 -25.50
C THR A 330 -28.25 14.16 -24.10
N LYS A 331 -29.10 14.02 -23.08
CA LYS A 331 -28.67 13.89 -21.69
C LYS A 331 -28.86 12.43 -21.29
N ASN A 332 -27.85 11.61 -21.56
CA ASN A 332 -27.87 10.20 -21.20
C ASN A 332 -26.79 9.83 -20.21
N VAL A 333 -25.88 10.76 -19.88
CA VAL A 333 -24.87 10.52 -18.86
C VAL A 333 -25.19 11.22 -17.54
N GLN A 334 -25.87 12.37 -17.58
CA GLN A 334 -26.19 13.10 -16.36
C GLN A 334 -26.84 12.19 -15.33
N PHE A 335 -27.76 11.33 -15.78
CA PHE A 335 -28.40 10.36 -14.91
C PHE A 335 -27.37 9.66 -14.02
N VAL A 336 -26.41 8.98 -14.64
CA VAL A 336 -25.47 8.18 -13.86
C VAL A 336 -24.72 9.06 -12.87
N PHE A 337 -24.45 10.31 -13.27
CA PHE A 337 -23.79 11.24 -12.35
C PHE A 337 -24.64 11.39 -11.08
N ASP A 338 -25.92 11.76 -11.25
CA ASP A 338 -26.80 11.83 -10.10
C ASP A 338 -26.74 10.53 -9.31
N ALA A 339 -26.75 9.41 -10.02
CA ALA A 339 -26.74 8.11 -9.35
C ALA A 339 -25.56 8.00 -8.40
N VAL A 340 -24.35 8.34 -8.87
CA VAL A 340 -23.20 8.12 -8.02
C VAL A 340 -23.25 9.05 -6.81
N THR A 341 -23.87 10.22 -6.96
CA THR A 341 -24.06 11.09 -5.81
C THR A 341 -24.90 10.41 -4.75
N ASP A 342 -25.98 9.75 -5.19
CA ASP A 342 -26.79 8.97 -4.24
C ASP A 342 -25.94 7.87 -3.59
N VAL A 343 -25.00 7.30 -4.34
CA VAL A 343 -24.10 6.31 -3.75
C VAL A 343 -23.09 7.00 -2.84
N ILE A 344 -22.67 8.22 -3.17
CA ILE A 344 -21.60 8.88 -2.42
C ILE A 344 -22.10 9.30 -1.05
N ILE A 345 -23.15 10.13 -1.02
CA ILE A 345 -23.62 10.71 0.24
C ILE A 345 -24.00 9.61 1.22
N LYS A 346 -24.79 8.62 0.74
CA LYS A 346 -25.16 7.50 1.59
C LYS A 346 -23.93 6.81 2.14
N ASN A 347 -22.91 6.62 1.30
CA ASN A 347 -21.67 6.00 1.77
C ASN A 347 -21.07 6.77 2.94
N ASN A 348 -21.08 8.11 2.86
CA ASN A 348 -20.57 8.91 3.96
C ASN A 348 -21.38 8.64 5.23
N LEU A 349 -22.70 8.49 5.09
CA LEU A 349 -23.53 8.18 6.26
C LEU A 349 -23.18 6.83 6.86
N LYS A 350 -22.59 5.93 6.08
CA LYS A 350 -22.11 4.67 6.67
C LYS A 350 -20.91 4.92 7.57
N ASP A 351 -20.07 5.88 7.21
CA ASP A 351 -18.86 6.15 7.99
C ASP A 351 -19.19 6.91 9.28
N CYS A 352 -19.82 8.08 9.15
CA CYS A 352 -20.15 8.89 10.33
C CYS A 352 -21.13 8.17 11.24
N GLY A 353 -22.14 7.53 10.67
CA GLY A 353 -23.08 6.74 11.43
C GLY A 353 -24.47 7.32 11.57
N LEU A 354 -24.88 8.24 10.70
CA LEU A 354 -26.22 8.80 10.79
C LEU A 354 -27.29 7.74 10.56
N PHE A 355 -27.01 6.73 9.74
CA PHE A 355 -27.91 5.59 9.59
C PHE A 355 -27.70 4.59 10.71
N GLU B 22 -15.81 -41.83 -37.79
CA GLU B 22 -14.37 -41.59 -37.73
C GLU B 22 -13.97 -41.03 -36.38
N LEU B 23 -14.85 -40.24 -35.77
CA LEU B 23 -14.57 -39.65 -34.47
C LEU B 23 -14.65 -40.68 -33.34
N ASP B 24 -15.44 -41.74 -33.53
CA ASP B 24 -15.61 -42.73 -32.46
C ASP B 24 -14.30 -43.44 -32.16
N GLN B 25 -13.57 -43.86 -33.20
CA GLN B 25 -12.29 -44.53 -32.97
C GLN B 25 -11.26 -43.56 -32.41
N LEU B 26 -11.31 -42.30 -32.84
CA LEU B 26 -10.40 -41.30 -32.30
C LEU B 26 -10.62 -41.14 -30.79
N ARG B 27 -11.88 -41.00 -30.37
CA ARG B 27 -12.17 -40.89 -28.95
C ARG B 27 -11.79 -42.15 -28.20
N GLN B 28 -12.05 -43.31 -28.78
CA GLN B 28 -11.72 -44.58 -28.13
C GLN B 28 -10.21 -44.68 -27.88
N GLU B 29 -9.41 -44.39 -28.90
CA GLU B 29 -7.96 -44.37 -28.70
C GLU B 29 -7.56 -43.29 -27.72
N ALA B 30 -8.33 -42.20 -27.63
CA ALA B 30 -8.03 -41.16 -26.65
C ALA B 30 -8.14 -41.70 -25.23
N GLU B 31 -9.26 -42.37 -24.89
CA GLU B 31 -9.33 -42.86 -23.51
C GLU B 31 -8.38 -44.04 -23.31
N GLN B 32 -8.08 -44.81 -24.37
CA GLN B 32 -7.10 -45.88 -24.22
C GLN B 32 -5.73 -45.31 -23.84
N LEU B 33 -5.29 -44.26 -24.54
CA LEU B 33 -4.02 -43.64 -24.24
C LEU B 33 -4.04 -42.99 -22.86
N LYS B 34 -5.17 -42.36 -22.49
CA LYS B 34 -5.27 -41.75 -21.16
C LYS B 34 -5.18 -42.80 -20.07
N ASN B 35 -5.81 -43.97 -20.27
CA ASN B 35 -5.74 -45.03 -19.28
C ASN B 35 -4.38 -45.67 -19.23
N GLN B 36 -3.65 -45.66 -20.35
CA GLN B 36 -2.29 -46.21 -20.36
C GLN B 36 -1.38 -45.45 -19.41
N ILE B 37 -1.48 -44.12 -19.40
CA ILE B 37 -0.57 -43.31 -18.61
C ILE B 37 -0.83 -43.50 -17.11
N ARG B 38 -2.10 -43.44 -16.70
CA ARG B 38 -2.40 -43.55 -15.28
C ARG B 38 -2.08 -44.94 -14.73
N ASP B 39 -2.20 -45.97 -15.57
CA ASP B 39 -1.80 -47.31 -15.14
C ASP B 39 -0.30 -47.37 -14.87
N ALA B 40 0.50 -46.72 -15.72
CA ALA B 40 1.93 -46.66 -15.48
C ALA B 40 2.24 -45.87 -14.21
N ARG B 41 1.53 -44.76 -13.99
CA ARG B 41 1.73 -43.98 -12.78
C ARG B 41 1.33 -44.77 -11.54
N LYS B 42 0.25 -45.54 -11.64
CA LYS B 42 -0.25 -46.27 -10.48
C LYS B 42 0.77 -47.30 -9.98
N ALA B 43 1.43 -48.00 -10.92
CA ALA B 43 2.41 -49.01 -10.54
C ALA B 43 3.72 -48.40 -10.08
N CYS B 44 3.96 -47.12 -10.35
CA CYS B 44 5.23 -46.49 -9.97
C CYS B 44 5.32 -46.20 -8.48
N ALA B 45 4.20 -45.88 -7.84
CA ALA B 45 4.22 -45.49 -6.44
C ALA B 45 4.61 -46.68 -5.55
N ASP B 46 5.41 -46.39 -4.53
CA ASP B 46 5.87 -47.41 -3.59
C ASP B 46 5.31 -47.17 -2.18
N ALA B 47 5.52 -45.99 -1.62
CA ALA B 47 5.07 -45.68 -0.27
C ALA B 47 4.83 -44.18 -0.15
N THR B 48 4.07 -43.81 0.87
CA THR B 48 3.76 -42.40 1.11
C THR B 48 5.00 -41.67 1.60
N LEU B 49 5.02 -40.35 1.35
CA LEU B 49 6.14 -39.53 1.79
C LEU B 49 6.16 -39.39 3.31
N SER B 50 4.99 -39.44 3.95
CA SER B 50 4.94 -39.26 5.41
C SER B 50 5.68 -40.38 6.13
N GLN B 51 5.53 -41.62 5.68
CA GLN B 51 6.14 -42.75 6.37
C GLN B 51 7.66 -42.75 6.28
N ILE B 52 8.23 -42.04 5.30
CA ILE B 52 9.68 -41.97 5.17
C ILE B 52 10.24 -40.66 5.74
N THR B 53 9.45 -39.61 5.82
CA THR B 53 9.88 -38.35 6.42
C THR B 53 9.58 -38.26 7.91
N ASN B 54 9.01 -39.31 8.49
CA ASN B 54 8.69 -39.34 9.91
C ASN B 54 9.90 -39.79 10.71
N ASN B 55 9.70 -40.08 11.99
CA ASN B 55 10.73 -40.58 12.90
C ASN B 55 11.90 -39.60 13.05
N ILE B 56 11.66 -38.32 12.83
CA ILE B 56 12.66 -37.28 13.05
C ILE B 56 12.02 -36.13 13.83
N ASP B 57 12.87 -35.36 14.49
CA ASP B 57 12.37 -34.30 15.36
C ASP B 57 11.79 -33.15 14.52
N PRO B 58 10.55 -32.74 14.77
CA PRO B 58 9.99 -31.60 14.06
C PRO B 58 10.65 -30.30 14.52
N VAL B 59 10.48 -29.26 13.69
CA VAL B 59 11.04 -27.95 14.02
C VAL B 59 10.39 -27.37 15.26
N GLY B 60 9.13 -27.68 15.50
CA GLY B 60 8.42 -27.15 16.64
C GLY B 60 7.93 -25.73 16.41
N ARG B 61 7.48 -25.13 17.52
CA ARG B 61 6.97 -23.76 17.48
C ARG B 61 8.11 -22.81 17.17
N ILE B 62 8.10 -22.23 15.97
CA ILE B 62 9.13 -21.30 15.52
C ILE B 62 8.47 -20.17 14.75
N GLN B 63 8.31 -19.02 15.41
CA GLN B 63 7.88 -17.80 14.75
C GLN B 63 8.67 -16.64 15.32
N MET B 64 8.82 -15.57 14.54
CA MET B 64 9.63 -14.44 14.92
C MET B 64 8.86 -13.15 14.64
N ARG B 65 9.22 -12.10 15.36
CA ARG B 65 8.64 -10.78 15.14
C ARG B 65 9.16 -10.20 13.83
N THR B 66 8.55 -9.09 13.41
CA THR B 66 9.01 -8.36 12.24
C THR B 66 10.21 -7.51 12.62
N ARG B 67 11.37 -7.82 12.04
CA ARG B 67 12.56 -7.01 12.29
C ARG B 67 12.54 -5.70 11.54
N ARG B 68 11.89 -5.66 10.38
CA ARG B 68 11.73 -4.45 9.60
C ARG B 68 10.27 -4.33 9.16
N THR B 69 9.86 -3.09 8.86
CA THR B 69 8.52 -2.84 8.36
C THR B 69 8.59 -1.63 7.44
N LEU B 70 8.00 -1.75 6.26
CA LEU B 70 8.09 -0.76 5.21
C LEU B 70 6.75 -0.04 5.06
N ARG B 71 6.72 0.95 4.17
CA ARG B 71 5.53 1.77 3.98
C ARG B 71 5.62 2.38 2.58
N GLY B 72 4.79 3.41 2.34
CA GLY B 72 4.85 4.19 1.13
C GLY B 72 3.80 3.86 0.09
N HIS B 73 3.41 2.58 -0.01
CA HIS B 73 2.38 2.20 -0.97
C HIS B 73 1.04 2.80 -0.57
N LEU B 74 0.17 2.98 -1.57
CA LEU B 74 -1.15 3.56 -1.34
C LEU B 74 -2.29 2.57 -1.54
N ALA B 75 -2.04 1.41 -2.13
CA ALA B 75 -3.10 0.46 -2.42
C ALA B 75 -2.55 -0.95 -2.23
N LYS B 76 -3.31 -1.93 -2.71
CA LYS B 76 -2.92 -3.32 -2.55
C LYS B 76 -1.76 -3.67 -3.48
N ILE B 77 -0.77 -4.37 -2.94
CA ILE B 77 0.38 -4.80 -3.72
C ILE B 77 0.08 -6.17 -4.31
N TYR B 78 0.69 -6.46 -5.46
CA TYR B 78 0.39 -7.70 -6.17
C TYR B 78 1.60 -8.61 -6.34
N ALA B 79 2.77 -8.05 -6.61
CA ALA B 79 3.96 -8.87 -6.82
C ALA B 79 5.19 -8.12 -6.33
N MET B 80 6.17 -8.87 -5.85
CA MET B 80 7.44 -8.32 -5.42
C MET B 80 8.48 -9.43 -5.46
N HIS B 81 9.72 -9.05 -5.80
CA HIS B 81 10.76 -10.02 -6.08
C HIS B 81 12.05 -9.64 -5.35
N TRP B 82 12.82 -10.66 -4.97
CA TRP B 82 14.09 -10.46 -4.27
C TRP B 82 15.17 -10.10 -5.29
N GLY B 83 16.42 -10.11 -4.86
CA GLY B 83 17.54 -9.80 -5.73
C GLY B 83 18.65 -10.82 -5.59
N THR B 84 19.61 -10.73 -6.51
CA THR B 84 20.78 -11.61 -6.45
C THR B 84 21.71 -11.20 -5.33
N ASP B 85 21.82 -9.90 -5.07
CA ASP B 85 22.64 -9.40 -3.97
C ASP B 85 22.08 -9.76 -2.60
N SER B 86 20.87 -10.29 -2.54
CA SER B 86 20.20 -10.77 -1.33
C SER B 86 19.85 -9.65 -0.36
N ARG B 87 19.98 -8.40 -0.78
CA ARG B 87 19.57 -7.25 0.04
C ARG B 87 18.52 -6.40 -0.64
N LEU B 88 18.73 -6.04 -1.90
CA LEU B 88 17.82 -5.14 -2.61
C LEU B 88 16.52 -5.85 -2.94
N LEU B 89 15.45 -5.07 -3.10
CA LEU B 89 14.12 -5.59 -3.33
C LEU B 89 13.39 -4.75 -4.37
N VAL B 90 12.32 -5.31 -4.93
CA VAL B 90 11.43 -4.60 -5.83
C VAL B 90 10.00 -4.90 -5.41
N SER B 91 9.07 -3.98 -5.71
CA SER B 91 7.68 -4.16 -5.33
C SER B 91 6.77 -3.43 -6.30
N ALA B 92 5.58 -4.01 -6.52
CA ALA B 92 4.59 -3.49 -7.44
C ALA B 92 3.19 -3.59 -6.83
N SER B 93 2.39 -2.55 -7.03
CA SER B 93 1.08 -2.42 -6.42
C SER B 93 0.05 -2.04 -7.48
N GLN B 94 -1.20 -1.84 -7.03
CA GLN B 94 -2.25 -1.41 -7.94
C GLN B 94 -1.93 -0.06 -8.57
N ASP B 95 -1.46 0.89 -7.78
CA ASP B 95 -1.02 2.16 -8.33
C ASP B 95 0.22 1.96 -9.21
N GLY B 96 0.39 2.85 -10.18
CA GLY B 96 1.47 2.71 -11.15
C GLY B 96 2.83 3.06 -10.60
N LYS B 97 3.29 2.31 -9.60
CA LYS B 97 4.59 2.54 -8.98
C LYS B 97 5.31 1.21 -8.79
N LEU B 98 6.56 1.15 -9.23
CA LEU B 98 7.45 0.02 -8.98
C LEU B 98 8.60 0.55 -8.14
N ILE B 99 8.63 0.15 -6.86
CA ILE B 99 9.54 0.74 -5.89
C ILE B 99 10.69 -0.22 -5.63
N ILE B 100 11.90 0.32 -5.53
CA ILE B 100 13.09 -0.47 -5.19
C ILE B 100 13.43 -0.21 -3.73
N TRP B 101 13.59 -1.30 -2.98
CA TRP B 101 13.74 -1.27 -1.54
C TRP B 101 15.17 -1.62 -1.14
N ASP B 102 15.67 -0.91 -0.13
CA ASP B 102 16.86 -1.33 0.60
C ASP B 102 16.39 -1.94 1.91
N SER B 103 16.63 -3.24 2.07
CA SER B 103 16.06 -3.97 3.19
C SER B 103 16.76 -3.62 4.51
N TYR B 104 18.09 -3.52 4.50
CA TYR B 104 18.83 -3.28 5.74
C TYR B 104 18.46 -1.93 6.34
N THR B 105 18.77 -0.85 5.62
CA THR B 105 18.37 0.49 6.02
C THR B 105 17.12 0.88 5.22
N THR B 106 16.04 1.16 5.93
CA THR B 106 14.75 1.35 5.26
C THR B 106 14.74 2.67 4.52
N ASN B 107 15.25 2.66 3.29
CA ASN B 107 15.19 3.83 2.42
C ASN B 107 14.95 3.38 0.98
N LYS B 108 14.07 4.09 0.29
CA LYS B 108 13.65 3.67 -1.04
C LYS B 108 14.68 4.12 -2.07
N VAL B 109 15.26 3.15 -2.78
CA VAL B 109 16.36 3.45 -3.69
C VAL B 109 15.90 4.36 -4.82
N HIS B 110 14.80 3.97 -5.50
CA HIS B 110 14.11 4.82 -6.47
C HIS B 110 12.84 4.13 -6.91
N ALA B 111 11.96 4.90 -7.55
CA ALA B 111 10.65 4.44 -7.97
C ALA B 111 10.46 4.68 -9.46
N ILE B 112 9.73 3.77 -10.10
CA ILE B 112 9.52 3.76 -11.54
C ILE B 112 8.02 3.88 -11.79
N PRO B 113 7.55 4.92 -12.50
CA PRO B 113 6.12 5.00 -12.84
C PRO B 113 5.80 4.06 -13.99
N LEU B 114 4.68 3.34 -13.87
CA LEU B 114 4.25 2.42 -14.90
C LEU B 114 3.28 3.11 -15.85
N ARG B 115 2.80 2.37 -16.85
CA ARG B 115 1.78 2.86 -17.77
C ARG B 115 0.40 2.28 -17.51
N SER B 116 0.30 1.11 -16.90
CA SER B 116 -0.97 0.46 -16.61
C SER B 116 -1.05 0.16 -15.13
N SER B 117 -2.14 0.60 -14.50
CA SER B 117 -2.31 0.34 -13.06
C SER B 117 -2.43 -1.15 -12.79
N TRP B 118 -3.20 -1.87 -13.60
CA TRP B 118 -3.47 -3.29 -13.37
C TRP B 118 -2.24 -4.09 -13.74
N VAL B 119 -1.45 -4.45 -12.73
CA VAL B 119 -0.23 -5.24 -12.92
C VAL B 119 -0.26 -6.42 -11.96
N MET B 120 0.20 -7.57 -12.45
CA MET B 120 0.33 -8.76 -11.62
C MET B 120 1.73 -9.36 -11.63
N THR B 121 2.62 -8.90 -12.50
CA THR B 121 3.92 -9.51 -12.67
C THR B 121 5.02 -8.47 -12.56
N CYS B 122 5.99 -8.73 -11.67
CA CYS B 122 7.22 -7.96 -11.60
C CYS B 122 8.36 -8.91 -11.27
N ALA B 123 9.53 -8.62 -11.84
CA ALA B 123 10.67 -9.52 -11.71
C ALA B 123 11.96 -8.71 -11.76
N TYR B 124 12.99 -9.26 -11.11
CA TYR B 124 14.29 -8.63 -10.96
C TYR B 124 15.34 -9.49 -11.63
N ALA B 125 16.11 -8.90 -12.55
CA ALA B 125 17.07 -9.66 -13.33
C ALA B 125 18.21 -10.17 -12.44
N PRO B 126 18.75 -11.35 -12.76
CA PRO B 126 19.87 -11.88 -11.95
C PRO B 126 21.08 -10.97 -11.92
N SER B 127 21.37 -10.26 -13.01
CA SER B 127 22.48 -9.31 -13.01
C SER B 127 22.11 -7.97 -12.37
N GLY B 128 20.83 -7.71 -12.13
CA GLY B 128 20.40 -6.47 -11.53
C GLY B 128 20.25 -5.31 -12.48
N ASN B 129 20.56 -5.50 -13.76
CA ASN B 129 20.49 -4.39 -14.71
C ASN B 129 19.05 -4.09 -15.14
N TYR B 130 18.18 -5.08 -15.17
CA TYR B 130 16.84 -4.93 -15.74
C TYR B 130 15.78 -5.36 -14.75
N VAL B 131 14.59 -4.79 -14.93
CA VAL B 131 13.39 -5.22 -14.22
C VAL B 131 12.29 -5.46 -15.25
N ALA B 132 11.34 -6.33 -14.90
CA ALA B 132 10.26 -6.69 -15.80
C ALA B 132 8.92 -6.47 -15.10
N CYS B 133 7.96 -5.91 -15.85
CA CYS B 133 6.63 -5.65 -15.33
C CYS B 133 5.60 -6.04 -16.38
N GLY B 134 4.39 -6.35 -15.91
CA GLY B 134 3.31 -6.71 -16.81
C GLY B 134 2.00 -7.05 -16.13
N GLY B 135 0.88 -6.69 -16.76
CA GLY B 135 -0.42 -6.89 -16.15
C GLY B 135 -1.52 -7.36 -17.09
N LEU B 136 -2.65 -6.64 -17.09
CA LEU B 136 -3.85 -7.04 -17.81
C LEU B 136 -3.84 -6.63 -19.27
N ASP B 137 -2.81 -5.96 -19.75
CA ASP B 137 -2.75 -5.48 -21.13
C ASP B 137 -2.06 -6.45 -22.08
N ASN B 138 -1.68 -7.64 -21.59
CA ASN B 138 -1.02 -8.65 -22.42
C ASN B 138 0.28 -8.14 -23.03
N ILE B 139 1.01 -7.33 -22.28
CA ILE B 139 2.31 -6.83 -22.69
C ILE B 139 3.29 -7.04 -21.54
N CYS B 140 4.58 -7.06 -21.88
CA CYS B 140 5.65 -7.24 -20.91
C CYS B 140 6.68 -6.15 -21.12
N SER B 141 6.74 -5.20 -20.20
CA SER B 141 7.71 -4.11 -20.29
C SER B 141 8.96 -4.48 -19.50
N ILE B 142 10.11 -4.05 -20.01
CA ILE B 142 11.40 -4.31 -19.37
C ILE B 142 12.16 -2.99 -19.30
N TYR B 143 12.51 -2.60 -18.09
CA TYR B 143 13.22 -1.35 -17.82
C TYR B 143 14.67 -1.64 -17.45
N ASN B 144 15.54 -0.68 -17.73
CA ASN B 144 16.97 -0.78 -17.46
C ASN B 144 17.31 0.02 -16.21
N LEU B 145 17.94 -0.64 -15.23
CA LEU B 145 18.27 0.00 -13.96
C LEU B 145 19.62 0.71 -14.02
N LYS B 146 20.69 -0.04 -14.31
CA LYS B 146 22.05 0.51 -14.34
C LYS B 146 22.22 1.32 -15.62
N THR B 147 21.73 2.56 -15.58
CA THR B 147 21.79 3.47 -16.70
C THR B 147 22.86 4.53 -16.44
N ARG B 148 23.66 4.81 -17.47
CA ARG B 148 24.72 5.81 -17.32
C ARG B 148 24.15 7.20 -17.06
N GLU B 149 22.93 7.47 -17.55
CA GLU B 149 22.31 8.78 -17.42
C GLU B 149 21.59 8.96 -16.09
N GLY B 150 21.71 8.00 -15.17
CA GLY B 150 21.08 8.13 -13.87
C GLY B 150 19.57 8.13 -13.88
N ASN B 151 18.95 7.24 -14.64
CA ASN B 151 17.50 7.12 -14.69
C ASN B 151 17.15 5.65 -14.88
N VAL B 152 15.85 5.38 -15.04
CA VAL B 152 15.34 4.06 -15.38
C VAL B 152 14.46 4.20 -16.61
N ARG B 153 14.88 3.60 -17.72
CA ARG B 153 14.20 3.76 -18.99
C ARG B 153 13.69 2.41 -19.49
N VAL B 154 12.59 2.44 -20.24
CA VAL B 154 11.98 1.23 -20.76
C VAL B 154 12.86 0.65 -21.86
N SER B 155 13.58 -0.43 -21.54
CA SER B 155 14.47 -1.04 -22.52
C SER B 155 13.69 -1.73 -23.63
N ARG B 156 12.67 -2.51 -23.27
CA ARG B 156 11.93 -3.30 -24.24
C ARG B 156 10.46 -3.35 -23.85
N GLU B 157 9.62 -3.70 -24.84
CA GLU B 157 8.19 -3.86 -24.59
C GLU B 157 7.68 -4.96 -25.52
N LEU B 158 7.64 -6.18 -24.99
CA LEU B 158 7.16 -7.32 -25.75
C LEU B 158 5.63 -7.31 -25.80
N ALA B 159 5.08 -7.49 -27.00
CA ALA B 159 3.63 -7.51 -27.20
C ALA B 159 3.31 -8.61 -28.21
N GLY B 160 2.96 -9.79 -27.70
CA GLY B 160 2.63 -10.91 -28.56
C GLY B 160 1.50 -11.77 -28.02
N HIS B 161 0.72 -11.22 -27.10
CA HIS B 161 -0.38 -11.94 -26.47
C HIS B 161 -1.65 -11.11 -26.53
N THR B 162 -2.79 -11.79 -26.44
CA THR B 162 -4.11 -11.15 -26.40
C THR B 162 -4.82 -11.67 -25.14
N GLY B 163 -4.55 -11.04 -24.01
CA GLY B 163 -5.04 -11.52 -22.73
C GLY B 163 -4.41 -10.78 -21.57
N TYR B 164 -3.88 -11.52 -20.60
CA TYR B 164 -3.23 -10.90 -19.45
C TYR B 164 -2.10 -11.80 -18.95
N LEU B 165 -0.96 -11.19 -18.65
CA LEU B 165 0.20 -11.94 -18.18
C LEU B 165 -0.06 -12.49 -16.77
N SER B 166 0.54 -13.64 -16.49
CA SER B 166 0.38 -14.31 -15.20
C SER B 166 1.63 -14.31 -14.35
N CYS B 167 2.81 -14.58 -14.94
CA CYS B 167 4.04 -14.58 -14.17
C CYS B 167 5.22 -14.38 -15.12
N CYS B 168 6.24 -13.69 -14.62
CA CYS B 168 7.45 -13.41 -15.38
C CYS B 168 8.66 -13.85 -14.57
N ARG B 169 9.56 -14.59 -15.21
CA ARG B 169 10.78 -15.07 -14.55
C ARG B 169 11.91 -15.03 -15.55
N PHE B 170 12.94 -14.22 -15.26
CA PHE B 170 14.09 -14.12 -16.15
C PHE B 170 14.86 -15.44 -16.21
N LEU B 171 15.23 -15.83 -17.43
CA LEU B 171 16.06 -17.01 -17.66
C LEU B 171 17.54 -16.68 -17.74
N ASP B 172 17.87 -15.49 -18.23
CA ASP B 172 19.24 -15.03 -18.38
C ASP B 172 19.17 -13.52 -18.61
N ASP B 173 20.31 -12.92 -18.98
CA ASP B 173 20.30 -11.51 -19.34
C ASP B 173 19.63 -11.25 -20.67
N ASN B 174 19.32 -12.30 -21.44
CA ASN B 174 18.76 -12.14 -22.78
C ASN B 174 17.53 -12.98 -23.06
N GLN B 175 17.20 -13.96 -22.22
CA GLN B 175 16.06 -14.83 -22.44
C GLN B 175 15.07 -14.68 -21.28
N ILE B 176 13.80 -14.51 -21.61
CA ILE B 176 12.74 -14.35 -20.62
C ILE B 176 11.56 -15.22 -21.02
N VAL B 177 10.97 -15.90 -20.05
CA VAL B 177 9.82 -16.77 -20.26
C VAL B 177 8.61 -16.13 -19.60
N THR B 178 7.51 -16.04 -20.34
CA THR B 178 6.28 -15.41 -19.86
C THR B 178 5.12 -16.37 -20.01
N SER B 179 4.13 -16.21 -19.14
CA SER B 179 2.91 -17.01 -19.17
C SER B 179 1.74 -16.10 -19.54
N SER B 180 1.07 -16.41 -20.65
CA SER B 180 -0.08 -15.63 -21.07
C SER B 180 -1.33 -16.12 -20.36
N GLY B 181 -2.36 -15.29 -20.38
CA GLY B 181 -3.61 -15.65 -19.76
C GLY B 181 -4.55 -16.50 -20.60
N ASP B 182 -4.24 -16.71 -21.87
CA ASP B 182 -5.18 -17.45 -22.71
C ASP B 182 -5.03 -18.96 -22.53
N THR B 183 -3.97 -19.53 -23.10
CA THR B 183 -3.62 -20.93 -22.86
C THR B 183 -2.12 -21.21 -22.86
N THR B 184 -1.26 -20.21 -23.04
CA THR B 184 0.06 -20.47 -23.61
C THR B 184 1.17 -19.85 -22.77
N CYS B 185 2.39 -20.22 -23.14
CA CYS B 185 3.62 -19.62 -22.62
C CYS B 185 4.53 -19.28 -23.77
N ALA B 186 5.41 -18.30 -23.57
CA ALA B 186 6.28 -17.84 -24.64
C ALA B 186 7.68 -17.56 -24.10
N LEU B 187 8.69 -18.08 -24.80
CA LEU B 187 10.09 -17.80 -24.52
C LEU B 187 10.57 -16.80 -25.56
N TRP B 188 11.09 -15.67 -25.09
CA TRP B 188 11.30 -14.47 -25.89
C TRP B 188 12.79 -14.20 -26.11
N ASP B 189 13.07 -13.16 -26.88
CA ASP B 189 14.40 -12.59 -27.03
C ASP B 189 14.31 -11.10 -26.74
N ILE B 190 15.32 -10.57 -26.03
CA ILE B 190 15.27 -9.17 -25.63
C ILE B 190 15.47 -8.25 -26.83
N GLU B 191 16.45 -8.56 -27.68
CA GLU B 191 16.78 -7.65 -28.78
C GLU B 191 15.64 -7.52 -29.76
N THR B 192 15.02 -8.64 -30.14
CA THR B 192 13.91 -8.65 -31.09
C THR B 192 12.66 -9.17 -30.38
N GLY B 193 11.58 -8.41 -30.47
CA GLY B 193 10.35 -8.76 -29.76
C GLY B 193 9.72 -10.06 -30.22
N GLN B 194 10.16 -10.62 -31.33
CA GLN B 194 9.59 -11.87 -31.82
C GLN B 194 9.84 -13.01 -30.84
N GLN B 195 8.85 -13.87 -30.68
CA GLN B 195 8.96 -14.99 -29.77
C GLN B 195 9.95 -16.02 -30.32
N THR B 196 10.86 -16.47 -29.45
CA THR B 196 11.75 -17.56 -29.83
C THR B 196 11.01 -18.89 -29.85
N THR B 197 10.17 -19.14 -28.83
CA THR B 197 9.43 -20.40 -28.76
C THR B 197 8.05 -20.13 -28.16
N THR B 198 7.08 -20.94 -28.57
CA THR B 198 5.72 -20.86 -28.06
C THR B 198 5.27 -22.24 -27.59
N PHE B 199 4.76 -22.30 -26.36
CA PHE B 199 4.26 -23.54 -25.77
C PHE B 199 2.75 -23.43 -25.62
N THR B 200 2.03 -24.41 -26.19
CA THR B 200 0.58 -24.40 -26.25
C THR B 200 0.02 -25.62 -25.53
N GLY B 201 -1.14 -25.44 -24.91
CA GLY B 201 -1.81 -26.52 -24.20
C GLY B 201 -2.62 -25.97 -23.04
N HIS B 202 -2.88 -26.85 -22.08
CA HIS B 202 -3.54 -26.53 -20.81
C HIS B 202 -5.03 -26.23 -20.99
N THR B 203 -5.49 -26.13 -22.25
CA THR B 203 -6.88 -25.89 -22.64
C THR B 203 -7.59 -24.87 -21.75
N GLY B 204 -6.86 -23.86 -21.27
CA GLY B 204 -7.44 -22.89 -20.37
C GLY B 204 -6.40 -21.89 -19.91
N ASP B 205 -6.82 -21.01 -19.00
CA ASP B 205 -5.97 -19.93 -18.54
C ASP B 205 -4.81 -20.46 -17.71
N VAL B 206 -3.71 -19.70 -17.68
CA VAL B 206 -2.52 -20.04 -16.93
C VAL B 206 -2.27 -18.94 -15.91
N MET B 207 -1.93 -19.33 -14.69
CA MET B 207 -1.83 -18.39 -13.56
C MET B 207 -0.42 -18.26 -12.99
N SER B 208 0.33 -19.35 -12.87
CA SER B 208 1.62 -19.33 -12.21
C SER B 208 2.69 -19.90 -13.14
N LEU B 209 3.90 -19.36 -13.02
CA LEU B 209 5.03 -19.77 -13.85
C LEU B 209 6.30 -19.67 -13.01
N SER B 210 6.91 -20.81 -12.72
CA SER B 210 8.16 -20.87 -11.97
C SER B 210 9.27 -21.42 -12.86
N LEU B 211 10.48 -20.90 -12.67
CA LEU B 211 11.61 -21.24 -13.52
C LEU B 211 12.71 -21.90 -12.71
N ALA B 212 13.32 -22.93 -13.27
CA ALA B 212 14.29 -23.75 -12.56
C ALA B 212 15.54 -22.95 -12.24
N PRO B 213 16.22 -23.26 -11.14
CA PRO B 213 17.49 -22.58 -10.83
C PRO B 213 18.56 -22.79 -11.87
N ASP B 214 18.58 -23.96 -12.53
CA ASP B 214 19.59 -24.24 -13.55
C ASP B 214 19.26 -23.61 -14.90
N THR B 215 18.12 -22.91 -15.01
CA THR B 215 17.73 -22.19 -16.22
C THR B 215 17.69 -23.11 -17.44
N ARG B 216 17.06 -24.27 -17.27
CA ARG B 216 16.87 -25.20 -18.37
C ARG B 216 15.46 -25.78 -18.46
N LEU B 217 14.62 -25.61 -17.45
CA LEU B 217 13.26 -26.14 -17.47
C LEU B 217 12.36 -25.21 -16.68
N PHE B 218 11.05 -25.35 -16.91
CA PHE B 218 10.07 -24.59 -16.14
C PHE B 218 8.72 -25.29 -16.22
N VAL B 219 7.83 -24.89 -15.32
CA VAL B 219 6.50 -25.45 -15.18
C VAL B 219 5.48 -24.32 -15.23
N SER B 220 4.20 -24.69 -15.24
CA SER B 220 3.12 -23.72 -15.26
C SER B 220 1.88 -24.34 -14.61
N GLY B 221 1.14 -23.54 -13.88
CA GLY B 221 -0.13 -23.93 -13.30
C GLY B 221 -1.27 -23.27 -14.05
N ALA B 222 -2.35 -24.02 -14.26
CA ALA B 222 -3.46 -23.56 -15.08
C ALA B 222 -4.77 -23.62 -14.29
N CYS B 223 -5.77 -22.91 -14.81
CA CYS B 223 -7.11 -22.91 -14.23
C CYS B 223 -7.88 -24.20 -14.51
N ASP B 224 -7.24 -25.19 -15.14
CA ASP B 224 -7.87 -26.47 -15.41
C ASP B 224 -7.24 -27.60 -14.61
N ALA B 225 -6.62 -27.27 -13.48
CA ALA B 225 -6.02 -28.26 -12.57
C ALA B 225 -4.97 -29.10 -13.29
N SER B 226 -4.18 -28.45 -14.15
CA SER B 226 -3.14 -29.12 -14.93
C SER B 226 -1.82 -28.39 -14.78
N ALA B 227 -0.74 -29.15 -14.63
CA ALA B 227 0.61 -28.61 -14.56
C ALA B 227 1.48 -29.35 -15.57
N LYS B 228 2.20 -28.61 -16.40
CA LYS B 228 2.96 -29.19 -17.50
C LYS B 228 4.40 -28.72 -17.45
N LEU B 229 5.32 -29.67 -17.58
CA LEU B 229 6.74 -29.36 -17.77
C LEU B 229 6.97 -28.93 -19.21
N TRP B 230 7.75 -27.87 -19.39
CA TRP B 230 8.08 -27.35 -20.72
C TRP B 230 9.59 -27.36 -20.91
N ASP B 231 10.03 -27.90 -22.03
CA ASP B 231 11.45 -27.93 -22.37
C ASP B 231 11.85 -26.60 -23.00
N VAL B 232 12.86 -25.96 -22.42
CA VAL B 232 13.27 -24.63 -22.89
C VAL B 232 13.80 -24.70 -24.31
N ARG B 233 14.64 -25.69 -24.60
CA ARG B 233 15.25 -25.81 -25.92
C ARG B 233 14.37 -26.59 -26.89
N GLU B 234 13.90 -27.77 -26.48
CA GLU B 234 13.09 -28.60 -27.37
C GLU B 234 11.77 -27.93 -27.71
N GLY B 235 11.11 -27.35 -26.71
CA GLY B 235 9.85 -26.65 -26.94
C GLY B 235 8.61 -27.50 -26.92
N MET B 236 8.66 -28.69 -26.33
CA MET B 236 7.51 -29.58 -26.25
C MET B 236 7.25 -29.95 -24.80
N CYS B 237 5.99 -30.30 -24.51
CA CYS B 237 5.59 -30.65 -23.15
C CYS B 237 6.25 -31.93 -22.68
N ARG B 238 7.16 -31.82 -21.70
CA ARG B 238 7.87 -33.00 -21.23
C ARG B 238 6.97 -33.88 -20.36
N GLN B 239 6.17 -33.27 -19.49
CA GLN B 239 5.29 -34.03 -18.59
C GLN B 239 4.04 -33.21 -18.31
N THR B 240 3.00 -33.90 -17.86
CA THR B 240 1.73 -33.27 -17.51
C THR B 240 1.24 -33.82 -16.18
N PHE B 241 0.86 -32.92 -15.27
CA PHE B 241 0.41 -33.27 -13.93
C PHE B 241 -1.03 -32.84 -13.75
N THR B 242 -1.87 -33.74 -13.25
CA THR B 242 -3.27 -33.47 -12.98
C THR B 242 -3.55 -33.68 -11.50
N GLY B 243 -4.14 -32.67 -10.86
CA GLY B 243 -4.47 -32.75 -9.46
C GLY B 243 -5.29 -31.54 -9.06
N HIS B 244 -5.86 -31.62 -7.86
CA HIS B 244 -6.74 -30.59 -7.31
C HIS B 244 -8.05 -30.48 -8.08
N GLU B 245 -9.09 -30.00 -7.41
CA GLU B 245 -10.42 -29.89 -8.00
C GLU B 245 -10.78 -28.46 -8.39
N SER B 246 -9.80 -27.55 -8.38
CA SER B 246 -10.08 -26.15 -8.68
C SER B 246 -8.85 -25.54 -9.35
N ASP B 247 -8.80 -24.21 -9.38
CA ASP B 247 -7.73 -23.50 -10.06
C ASP B 247 -6.41 -23.67 -9.31
N ILE B 248 -5.32 -23.38 -10.01
CA ILE B 248 -3.98 -23.35 -9.44
C ILE B 248 -3.45 -21.93 -9.55
N ASN B 249 -2.99 -21.36 -8.43
CA ASN B 249 -2.61 -19.96 -8.39
C ASN B 249 -1.13 -19.71 -8.20
N ALA B 250 -0.40 -20.62 -7.56
CA ALA B 250 1.01 -20.40 -7.27
C ALA B 250 1.79 -21.68 -7.47
N ILE B 251 3.05 -21.54 -7.89
CA ILE B 251 3.96 -22.66 -8.07
C ILE B 251 5.38 -22.15 -7.94
N CYS B 252 6.28 -23.00 -7.45
CA CYS B 252 7.66 -22.61 -7.21
C CYS B 252 8.53 -23.85 -7.13
N PHE B 253 9.66 -23.83 -7.84
CA PHE B 253 10.58 -24.95 -7.82
C PHE B 253 11.24 -25.13 -6.46
N PHE B 254 11.59 -26.38 -6.16
CA PHE B 254 12.48 -26.70 -5.06
C PHE B 254 13.86 -26.08 -5.35
N PRO B 255 14.60 -25.67 -4.32
CA PRO B 255 15.95 -25.16 -4.56
C PRO B 255 16.88 -26.18 -5.19
N ASN B 256 16.61 -27.47 -5.02
CA ASN B 256 17.34 -28.49 -5.77
C ASN B 256 17.07 -28.35 -7.26
N GLY B 257 15.81 -28.09 -7.64
CA GLY B 257 15.43 -27.95 -9.02
C GLY B 257 14.77 -29.17 -9.64
N ASN B 258 14.39 -30.17 -8.85
CA ASN B 258 13.78 -31.38 -9.36
C ASN B 258 12.47 -31.68 -8.63
N ALA B 259 11.75 -30.63 -8.25
CA ALA B 259 10.46 -30.77 -7.58
C ALA B 259 9.78 -29.41 -7.61
N PHE B 260 8.50 -29.39 -7.23
CA PHE B 260 7.78 -28.13 -7.11
C PHE B 260 6.57 -28.33 -6.20
N ALA B 261 5.95 -27.20 -5.84
CA ALA B 261 4.76 -27.19 -5.01
C ALA B 261 3.70 -26.34 -5.68
N THR B 262 2.46 -26.82 -5.66
CA THR B 262 1.34 -26.16 -6.32
C THR B 262 0.31 -25.76 -5.27
N GLY B 263 -0.06 -24.48 -5.27
CA GLY B 263 -1.11 -23.96 -4.41
C GLY B 263 -2.38 -23.77 -5.21
N SER B 264 -3.50 -24.20 -4.64
CA SER B 264 -4.78 -24.22 -5.36
C SER B 264 -5.84 -23.46 -4.59
N ASP B 265 -6.90 -23.09 -5.31
CA ASP B 265 -8.01 -22.32 -4.75
C ASP B 265 -8.86 -23.14 -3.78
N ASP B 266 -8.66 -24.45 -3.70
CA ASP B 266 -9.44 -25.32 -2.83
C ASP B 266 -8.83 -25.44 -1.43
N ALA B 267 -8.05 -24.45 -1.00
CA ALA B 267 -7.45 -24.43 0.34
C ALA B 267 -6.57 -25.65 0.59
N THR B 268 -5.79 -26.03 -0.42
CA THR B 268 -4.89 -27.17 -0.29
C THR B 268 -3.68 -26.95 -1.19
N CYS B 269 -2.49 -27.22 -0.65
CA CYS B 269 -1.25 -27.23 -1.41
C CYS B 269 -0.82 -28.68 -1.63
N ARG B 270 -0.02 -28.89 -2.68
CA ARG B 270 0.45 -30.23 -2.99
C ARG B 270 1.89 -30.18 -3.47
N LEU B 271 2.59 -31.30 -3.28
CA LEU B 271 4.00 -31.44 -3.64
C LEU B 271 4.13 -32.42 -4.79
N PHE B 272 4.93 -32.05 -5.80
CA PHE B 272 5.14 -32.89 -6.96
C PHE B 272 6.63 -33.04 -7.23
N ASP B 273 7.02 -34.22 -7.69
CA ASP B 273 8.39 -34.52 -8.09
C ASP B 273 8.42 -34.83 -9.58
N LEU B 274 9.43 -34.30 -10.27
CA LEU B 274 9.45 -34.40 -11.73
C LEU B 274 9.64 -35.85 -12.18
N ARG B 275 10.63 -36.53 -11.62
CA ARG B 275 10.90 -37.90 -12.05
C ARG B 275 9.89 -38.88 -11.49
N ALA B 276 9.28 -38.57 -10.34
CA ALA B 276 8.28 -39.44 -9.76
C ALA B 276 6.95 -39.35 -10.50
N ASP B 277 6.60 -38.18 -11.02
CA ASP B 277 5.35 -37.96 -11.77
C ASP B 277 4.13 -38.30 -10.94
N GLN B 278 4.20 -38.11 -9.62
CA GLN B 278 3.11 -38.46 -8.74
C GLN B 278 3.04 -37.46 -7.59
N GLU B 279 1.91 -37.48 -6.89
CA GLU B 279 1.75 -36.65 -5.70
C GLU B 279 2.57 -37.24 -4.54
N LEU B 280 3.11 -36.35 -3.71
CA LEU B 280 3.88 -36.76 -2.55
C LEU B 280 3.23 -36.33 -1.23
N MET B 281 2.95 -35.04 -1.07
CA MET B 281 2.39 -34.51 0.17
C MET B 281 1.26 -33.54 -0.14
N THR B 282 0.24 -33.54 0.71
CA THR B 282 -0.89 -32.64 0.61
C THR B 282 -1.00 -31.85 1.91
N TYR B 283 -0.97 -30.53 1.81
CA TYR B 283 -1.09 -29.64 2.96
C TYR B 283 -2.48 -29.02 2.98
N SER B 284 -3.19 -29.20 4.09
CA SER B 284 -4.53 -28.65 4.25
C SER B 284 -4.84 -28.56 5.73
N HIS B 285 -5.80 -27.69 6.05
CA HIS B 285 -6.27 -27.54 7.42
C HIS B 285 -7.78 -27.36 7.43
N ASP B 286 -8.45 -28.03 8.37
CA ASP B 286 -9.90 -27.94 8.44
C ASP B 286 -10.36 -26.57 8.95
N ASN B 287 -9.52 -25.87 9.71
CA ASN B 287 -9.90 -24.56 10.22
C ASN B 287 -10.10 -23.57 9.08
N ILE B 288 -9.23 -23.63 8.06
CA ILE B 288 -9.32 -22.73 6.92
C ILE B 288 -10.09 -23.41 5.81
N ILE B 289 -10.80 -22.61 5.01
CA ILE B 289 -11.60 -23.12 3.90
C ILE B 289 -11.26 -22.33 2.64
N CYS B 290 -10.59 -21.20 2.82
CA CYS B 290 -10.25 -20.31 1.72
C CYS B 290 -8.89 -20.68 1.12
N GLY B 291 -8.74 -20.36 -0.17
CA GLY B 291 -7.62 -20.87 -0.94
C GLY B 291 -6.32 -20.14 -0.71
N ILE B 292 -5.29 -20.61 -1.41
CA ILE B 292 -3.93 -20.11 -1.28
C ILE B 292 -3.68 -19.03 -2.34
N THR B 293 -3.11 -17.91 -1.91
CA THR B 293 -2.76 -16.85 -2.85
C THR B 293 -1.34 -16.98 -3.37
N SER B 294 -0.39 -17.40 -2.52
CA SER B 294 0.99 -17.52 -2.98
C SER B 294 1.72 -18.59 -2.17
N VAL B 295 2.80 -19.10 -2.74
CA VAL B 295 3.64 -20.09 -2.09
C VAL B 295 5.10 -19.76 -2.39
N SER B 296 5.99 -20.14 -1.47
CA SER B 296 7.41 -19.90 -1.64
C SER B 296 8.19 -20.88 -0.76
N PHE B 297 9.48 -20.98 -1.05
CA PHE B 297 10.39 -21.88 -0.36
C PHE B 297 11.45 -21.06 0.38
N SER B 298 12.45 -21.77 0.92
CA SER B 298 13.57 -21.14 1.61
C SER B 298 14.82 -21.97 1.33
N LYS B 299 15.88 -21.70 2.09
CA LYS B 299 17.12 -22.44 1.92
C LYS B 299 16.93 -23.90 2.32
N SER B 300 17.61 -24.80 1.60
CA SER B 300 17.60 -26.24 1.82
C SER B 300 16.23 -26.86 1.58
N GLY B 301 15.24 -26.08 1.12
CA GLY B 301 13.91 -26.61 0.89
C GLY B 301 13.28 -27.22 2.12
N ARG B 302 13.39 -26.55 3.26
CA ARG B 302 12.92 -27.08 4.52
C ARG B 302 11.62 -26.45 5.00
N LEU B 303 11.43 -25.14 4.76
CA LEU B 303 10.24 -24.43 5.23
C LEU B 303 9.45 -23.95 4.02
N LEU B 304 8.31 -24.60 3.77
CA LEU B 304 7.37 -24.15 2.75
C LEU B 304 6.50 -23.06 3.36
N LEU B 305 6.64 -21.84 2.87
CA LEU B 305 5.83 -20.72 3.34
C LEU B 305 4.69 -20.49 2.36
N ALA B 306 3.51 -20.21 2.89
CA ALA B 306 2.33 -20.01 2.06
C ALA B 306 1.55 -18.81 2.55
N GLY B 307 1.21 -17.92 1.64
CA GLY B 307 0.38 -16.78 1.95
C GLY B 307 -1.04 -17.01 1.48
N TYR B 308 -1.97 -17.08 2.43
CA TYR B 308 -3.37 -17.35 2.16
C TYR B 308 -4.13 -16.03 2.09
N ASP B 309 -5.46 -16.13 1.95
CA ASP B 309 -6.33 -14.98 2.02
C ASP B 309 -7.19 -14.97 3.28
N ASP B 310 -6.79 -15.72 4.31
CA ASP B 310 -7.40 -15.67 5.62
C ASP B 310 -6.69 -14.71 6.56
N PHE B 311 -5.99 -13.71 6.00
CA PHE B 311 -5.26 -12.66 6.69
C PHE B 311 -3.99 -13.17 7.36
N ASN B 312 -3.68 -14.46 7.28
CA ASN B 312 -2.49 -15.03 7.88
C ASN B 312 -1.54 -15.51 6.80
N CYS B 313 -0.39 -16.06 7.22
CA CYS B 313 0.63 -16.54 6.30
C CYS B 313 1.32 -17.72 6.98
N ASN B 314 0.90 -18.94 6.63
CA ASN B 314 1.38 -20.12 7.31
C ASN B 314 2.80 -20.49 6.87
N VAL B 315 3.49 -21.21 7.74
CA VAL B 315 4.85 -21.69 7.49
C VAL B 315 4.91 -23.14 7.96
N TRP B 316 4.91 -24.09 7.02
CA TRP B 316 4.88 -25.50 7.36
C TRP B 316 6.08 -26.21 6.77
N ASP B 317 6.54 -27.26 7.46
CA ASP B 317 7.62 -28.07 6.95
C ASP B 317 7.19 -28.81 5.70
N ALA B 318 8.10 -28.91 4.72
CA ALA B 318 7.79 -29.67 3.52
C ALA B 318 7.72 -31.16 3.82
N LEU B 319 8.57 -31.66 4.72
CA LEU B 319 8.54 -33.08 5.06
C LEU B 319 7.31 -33.44 5.89
N LYS B 320 6.97 -32.60 6.87
CA LYS B 320 5.83 -32.83 7.75
C LYS B 320 4.85 -31.68 7.58
N ALA B 321 3.62 -32.00 7.20
CA ALA B 321 2.62 -30.99 6.88
C ALA B 321 2.13 -30.22 8.09
N ASP B 322 2.49 -30.64 9.30
CA ASP B 322 1.97 -30.01 10.51
C ASP B 322 2.40 -28.55 10.60
N ARG B 323 1.61 -27.75 11.31
CA ARG B 323 1.89 -26.33 11.45
C ARG B 323 3.18 -26.11 12.23
N ALA B 324 3.88 -25.03 11.87
CA ALA B 324 5.14 -24.70 12.53
C ALA B 324 5.28 -23.21 12.82
N GLY B 325 4.26 -22.40 12.53
CA GLY B 325 4.33 -20.97 12.80
C GLY B 325 3.44 -20.15 11.90
N VAL B 326 2.85 -19.10 12.47
CA VAL B 326 1.96 -18.20 11.73
C VAL B 326 2.53 -16.79 11.81
N LEU B 327 2.73 -16.18 10.66
CA LEU B 327 3.21 -14.79 10.59
C LEU B 327 2.03 -13.83 10.50
N ALA B 328 1.18 -13.88 11.52
CA ALA B 328 0.06 -12.98 11.61
C ALA B 328 0.53 -11.54 11.85
N GLY B 329 -0.29 -10.60 11.41
CA GLY B 329 0.08 -9.20 11.52
C GLY B 329 -0.28 -8.40 10.28
N HIS B 330 -0.96 -9.04 9.33
CA HIS B 330 -1.42 -8.38 8.13
C HIS B 330 -2.92 -8.13 8.21
N ASP B 331 -3.35 -6.96 7.77
CA ASP B 331 -4.74 -6.53 7.88
C ASP B 331 -5.60 -6.96 6.70
N ASN B 332 -5.03 -7.66 5.72
CA ASN B 332 -5.79 -8.12 4.56
C ASN B 332 -5.16 -9.42 4.07
N ARG B 333 -5.51 -9.83 2.86
CA ARG B 333 -5.07 -11.12 2.34
C ARG B 333 -3.61 -11.02 1.86
N VAL B 334 -2.81 -12.02 2.23
CA VAL B 334 -1.41 -12.06 1.83
C VAL B 334 -1.32 -12.38 0.35
N SER B 335 -0.57 -11.57 -0.39
CA SER B 335 -0.43 -11.74 -1.84
C SER B 335 0.93 -12.28 -2.26
N CYS B 336 2.02 -11.85 -1.64
CA CYS B 336 3.35 -12.16 -2.13
C CYS B 336 4.14 -12.92 -1.07
N LEU B 337 5.34 -13.34 -1.44
CA LEU B 337 6.26 -14.03 -0.55
C LEU B 337 7.68 -13.84 -1.08
N GLY B 338 8.62 -14.58 -0.53
CA GLY B 338 10.00 -14.51 -0.98
C GLY B 338 10.95 -14.93 0.12
N VAL B 339 12.16 -15.26 -0.30
CA VAL B 339 13.23 -15.62 0.62
C VAL B 339 14.55 -15.18 0.00
N THR B 340 15.52 -14.89 0.86
CA THR B 340 16.84 -14.47 0.38
C THR B 340 17.57 -15.64 -0.26
N ASP B 341 18.57 -15.30 -1.08
CA ASP B 341 19.32 -16.33 -1.79
C ASP B 341 20.07 -17.24 -0.83
N ASP B 342 20.71 -16.67 0.19
CA ASP B 342 21.39 -17.48 1.19
C ASP B 342 20.41 -18.13 2.16
N GLY B 343 19.25 -17.51 2.38
CA GLY B 343 18.26 -18.05 3.30
C GLY B 343 18.28 -17.38 4.65
N MET B 344 18.42 -16.05 4.65
CA MET B 344 18.58 -15.29 5.88
C MET B 344 17.27 -14.67 6.36
N ALA B 345 16.65 -13.85 5.52
CA ALA B 345 15.40 -13.18 5.86
C ALA B 345 14.26 -13.71 4.99
N VAL B 346 13.05 -13.23 5.28
CA VAL B 346 11.85 -13.63 4.55
C VAL B 346 10.95 -12.40 4.42
N ALA B 347 10.77 -11.92 3.20
CA ALA B 347 9.87 -10.79 2.99
C ALA B 347 8.44 -11.29 2.77
N THR B 348 7.50 -10.36 2.81
CA THR B 348 6.10 -10.71 2.59
C THR B 348 5.40 -9.53 1.93
N GLY B 349 4.07 -9.58 1.91
CA GLY B 349 3.27 -8.51 1.37
C GLY B 349 1.84 -8.91 1.11
N SER B 350 0.89 -8.03 1.45
CA SER B 350 -0.52 -8.35 1.42
C SER B 350 -1.28 -7.18 0.81
N TRP B 351 -2.62 -7.31 0.78
CA TRP B 351 -3.45 -6.28 0.16
C TRP B 351 -3.48 -4.98 0.95
N ASP B 352 -3.02 -4.97 2.19
CA ASP B 352 -2.72 -3.73 2.88
C ASP B 352 -1.37 -3.22 2.39
N SER B 353 -1.24 -1.90 2.26
CA SER B 353 -0.12 -1.32 1.53
C SER B 353 1.23 -1.62 2.17
N PHE B 354 1.26 -2.06 3.42
CA PHE B 354 2.52 -2.35 4.09
C PHE B 354 3.18 -3.58 3.48
N LEU B 355 4.51 -3.61 3.58
CA LEU B 355 5.32 -4.72 3.06
C LEU B 355 6.35 -5.08 4.11
N LYS B 356 6.05 -6.10 4.91
CA LYS B 356 6.91 -6.46 6.03
C LYS B 356 8.04 -7.37 5.59
N ILE B 357 9.13 -7.33 6.35
CA ILE B 357 10.33 -8.15 6.09
C ILE B 357 10.67 -8.86 7.39
N TRP B 358 10.16 -10.06 7.58
CA TRP B 358 10.50 -10.87 8.73
C TRP B 358 11.95 -11.36 8.64
N ASN B 359 12.52 -11.68 9.79
CA ASN B 359 13.85 -12.27 9.85
C ASN B 359 14.01 -13.10 11.12
N ALA C 7 -10.77 -29.24 -37.78
CA ALA C 7 -11.98 -29.94 -37.38
C ALA C 7 -11.71 -30.84 -36.16
N SER C 8 -12.76 -31.51 -35.69
CA SER C 8 -12.60 -32.42 -34.57
C SER C 8 -11.67 -33.58 -34.90
N ILE C 9 -11.79 -34.13 -36.11
CA ILE C 9 -10.90 -35.20 -36.54
C ILE C 9 -9.47 -34.69 -36.67
N ALA C 10 -9.30 -33.51 -37.25
CA ALA C 10 -7.97 -32.95 -37.43
C ALA C 10 -7.29 -32.68 -36.08
N GLN C 11 -8.03 -32.12 -35.12
CA GLN C 11 -7.46 -31.85 -33.81
C GLN C 11 -7.27 -33.12 -32.99
N ALA C 12 -7.95 -34.21 -33.35
CA ALA C 12 -7.77 -35.46 -32.63
C ALA C 12 -6.41 -36.08 -32.90
N ARG C 13 -5.89 -35.91 -34.12
CA ARG C 13 -4.54 -36.40 -34.43
C ARG C 13 -3.50 -35.77 -33.53
N LYS C 14 -3.58 -34.45 -33.34
CA LYS C 14 -2.63 -33.77 -32.47
C LYS C 14 -2.72 -34.28 -31.04
N LEU C 15 -3.95 -34.48 -30.54
CA LEU C 15 -4.13 -34.95 -29.18
C LEU C 15 -3.56 -36.35 -29.00
N VAL C 16 -3.88 -37.26 -29.92
CA VAL C 16 -3.40 -38.63 -29.77
C VAL C 16 -1.88 -38.68 -29.93
N GLU C 17 -1.32 -37.85 -30.81
CA GLU C 17 0.13 -37.77 -30.94
C GLU C 17 0.77 -37.28 -29.65
N GLN C 18 0.20 -36.24 -29.03
CA GLN C 18 0.74 -35.74 -27.78
C GLN C 18 0.67 -36.80 -26.68
N LEU C 19 -0.46 -37.48 -26.57
CA LEU C 19 -0.58 -38.52 -25.54
C LEU C 19 0.37 -39.68 -25.77
N LYS C 20 0.56 -40.10 -27.03
CA LYS C 20 1.45 -41.24 -27.27
C LYS C 20 2.91 -40.84 -27.11
N MET C 21 3.26 -39.60 -27.41
CA MET C 21 4.62 -39.14 -27.15
C MET C 21 4.85 -38.86 -25.67
N GLU C 22 3.79 -38.63 -24.89
CA GLU C 22 3.93 -38.47 -23.45
C GLU C 22 4.04 -39.82 -22.75
N ALA C 23 3.34 -40.84 -23.24
CA ALA C 23 3.24 -42.10 -22.52
C ALA C 23 4.59 -42.82 -22.43
N ASN C 24 5.53 -42.54 -23.34
CA ASN C 24 6.78 -43.27 -23.41
C ASN C 24 7.93 -42.59 -22.66
N ILE C 25 7.65 -41.52 -21.93
CA ILE C 25 8.71 -40.83 -21.20
C ILE C 25 9.18 -41.69 -20.04
N ASP C 26 10.47 -41.62 -19.73
CA ASP C 26 11.04 -42.43 -18.67
C ASP C 26 10.63 -41.91 -17.30
N ARG C 27 10.50 -42.84 -16.35
CA ARG C 27 10.18 -42.51 -14.96
C ARG C 27 10.98 -43.40 -14.04
N ILE C 28 11.17 -42.94 -12.81
CA ILE C 28 11.87 -43.70 -11.78
C ILE C 28 10.95 -43.81 -10.55
N LYS C 29 11.39 -44.63 -9.60
CA LYS C 29 10.59 -44.88 -8.41
C LYS C 29 10.53 -43.65 -7.51
N VAL C 30 9.45 -43.55 -6.73
CA VAL C 30 9.26 -42.41 -5.85
C VAL C 30 10.24 -42.45 -4.68
N SER C 31 10.63 -43.65 -4.23
CA SER C 31 11.49 -43.76 -3.06
C SER C 31 12.84 -43.09 -3.28
N LYS C 32 13.44 -43.31 -4.45
CA LYS C 32 14.73 -42.68 -4.74
C LYS C 32 14.60 -41.16 -4.84
N ALA C 33 13.56 -40.68 -5.52
CA ALA C 33 13.37 -39.24 -5.66
C ALA C 33 13.08 -38.58 -4.32
N ALA C 34 12.25 -39.22 -3.48
CA ALA C 34 11.96 -38.66 -2.17
C ALA C 34 13.20 -38.65 -1.28
N ALA C 35 14.01 -39.70 -1.33
CA ALA C 35 15.21 -39.76 -0.50
C ALA C 35 16.22 -38.69 -0.90
N ASP C 36 16.22 -38.27 -2.17
CA ASP C 36 17.14 -37.23 -2.60
C ASP C 36 16.87 -35.92 -1.88
N LEU C 37 15.60 -35.54 -1.76
CA LEU C 37 15.25 -34.31 -1.05
C LEU C 37 15.63 -34.39 0.42
N MET C 38 15.38 -35.55 1.05
CA MET C 38 15.76 -35.71 2.45
C MET C 38 17.27 -35.63 2.61
N ALA C 39 18.02 -36.27 1.71
CA ALA C 39 19.48 -36.15 1.74
C ALA C 39 19.93 -34.74 1.39
N TYR C 40 19.20 -34.05 0.52
CA TYR C 40 19.53 -32.66 0.19
C TYR C 40 19.41 -31.77 1.42
N CYS C 41 18.38 -32.00 2.24
CA CYS C 41 18.20 -31.19 3.44
C CYS C 41 19.36 -31.37 4.41
N GLU C 42 19.83 -32.62 4.58
CA GLU C 42 20.94 -32.86 5.49
C GLU C 42 22.22 -32.20 4.99
N ALA C 43 22.44 -32.20 3.67
CA ALA C 43 23.65 -31.61 3.12
C ALA C 43 23.73 -30.11 3.40
N HIS C 44 22.60 -29.41 3.28
CA HIS C 44 22.56 -27.97 3.50
C HIS C 44 21.93 -27.60 4.84
N ALA C 45 21.90 -28.54 5.79
CA ALA C 45 21.23 -28.30 7.06
C ALA C 45 21.93 -27.21 7.87
N LYS C 46 23.26 -27.18 7.83
CA LYS C 46 24.01 -26.27 8.70
C LYS C 46 23.69 -24.82 8.38
N GLU C 47 23.69 -24.46 7.09
CA GLU C 47 23.48 -23.06 6.69
C GLU C 47 21.99 -22.82 6.44
N ASP C 48 21.23 -22.95 7.52
CA ASP C 48 19.78 -22.72 7.52
C ASP C 48 19.42 -21.85 8.72
N PRO C 49 19.55 -20.53 8.60
CA PRO C 49 19.21 -19.66 9.74
C PRO C 49 17.79 -19.83 10.23
N LEU C 50 16.83 -20.08 9.33
CA LEU C 50 15.44 -20.25 9.76
C LEU C 50 15.22 -21.61 10.39
N LEU C 51 15.86 -22.65 9.86
CA LEU C 51 15.72 -23.99 10.43
C LEU C 51 16.40 -24.07 11.79
N THR C 52 17.71 -23.88 11.83
CA THR C 52 18.45 -23.86 13.08
C THR C 52 18.80 -22.43 13.42
N PRO C 53 18.22 -21.84 14.47
CA PRO C 53 18.45 -20.42 14.77
C PRO C 53 19.92 -20.07 14.92
N VAL C 54 20.45 -19.31 13.98
CA VAL C 54 21.86 -18.90 14.02
C VAL C 54 22.02 -17.83 15.10
N PRO C 55 23.05 -17.93 15.95
CA PRO C 55 23.26 -16.89 16.96
C PRO C 55 23.52 -15.53 16.33
N ALA C 56 23.62 -14.52 17.20
CA ALA C 56 23.76 -13.13 16.79
C ALA C 56 25.21 -12.71 16.61
N SER C 57 26.10 -13.65 16.28
CA SER C 57 27.51 -13.29 16.08
C SER C 57 27.68 -12.36 14.88
N GLU C 58 27.09 -12.72 13.74
CA GLU C 58 27.22 -11.90 12.54
C GLU C 58 26.27 -10.70 12.58
N ASN C 59 25.12 -10.84 13.23
CA ASN C 59 24.16 -9.76 13.45
C ASN C 59 23.68 -9.10 12.17
N PRO C 60 22.91 -9.79 11.33
CA PRO C 60 22.28 -9.11 10.19
C PRO C 60 21.01 -8.39 10.63
N PHE C 61 20.65 -7.36 9.85
CA PHE C 61 19.41 -6.63 10.06
C PHE C 61 19.32 -6.07 11.49
N ARG C 62 20.45 -5.56 11.99
CA ARG C 62 20.51 -5.17 13.40
C ARG C 62 19.70 -3.91 13.66
N GLU C 63 20.08 -2.80 13.02
CA GLU C 63 19.39 -1.53 13.21
C GLU C 63 19.14 -0.83 11.89
N GLU D 106 -19.92 28.65 55.60
CA GLU D 106 -21.27 28.57 56.16
C GLU D 106 -21.83 27.16 56.05
N CYS D 107 -23.15 27.05 56.03
CA CYS D 107 -23.84 25.76 55.94
C CYS D 107 -24.81 25.82 54.76
N PHE D 108 -24.47 25.11 53.69
CA PHE D 108 -25.33 25.01 52.50
C PHE D 108 -25.90 23.61 52.32
N MET D 109 -25.83 22.76 53.34
CA MET D 109 -26.33 21.39 53.25
C MET D 109 -27.81 21.37 53.66
N VAL D 110 -28.62 21.96 52.80
CA VAL D 110 -30.08 21.94 52.99
C VAL D 110 -30.57 20.55 52.62
N LEU D 111 -30.82 19.72 53.63
CA LEU D 111 -31.06 18.31 53.38
C LEU D 111 -31.95 17.74 54.48
N ASN D 112 -32.75 16.74 54.10
CA ASN D 112 -33.60 15.94 54.97
C ASN D 112 -33.34 14.48 54.67
N PRO D 113 -33.02 13.66 55.67
CA PRO D 113 -32.63 12.27 55.39
C PRO D 113 -33.66 11.47 54.61
N SER D 114 -34.95 11.78 54.78
CA SER D 114 -36.00 11.03 54.10
C SER D 114 -35.79 11.03 52.60
N GLN D 115 -35.54 12.20 52.01
CA GLN D 115 -35.19 12.25 50.59
C GLN D 115 -33.70 12.06 50.35
N GLN D 116 -32.87 12.25 51.38
CA GLN D 116 -31.43 12.04 51.21
C GLN D 116 -31.13 10.61 50.81
N LEU D 117 -31.76 9.64 51.48
CA LEU D 117 -31.51 8.24 51.15
C LEU D 117 -31.91 7.93 49.73
N ALA D 118 -33.09 8.40 49.30
CA ALA D 118 -33.55 8.15 47.94
C ALA D 118 -32.62 8.77 46.91
N ILE D 119 -32.22 10.03 47.13
CA ILE D 119 -31.33 10.69 46.19
C ILE D 119 -29.99 9.95 46.10
N ALA D 120 -29.46 9.54 47.25
CA ALA D 120 -28.18 8.82 47.26
C ALA D 120 -28.28 7.52 46.48
N VAL D 121 -29.33 6.74 46.73
CA VAL D 121 -29.41 5.43 46.07
C VAL D 121 -29.67 5.60 44.57
N LEU D 122 -30.49 6.57 44.16
CA LEU D 122 -30.74 6.76 42.74
C LEU D 122 -29.49 7.29 42.03
N SER D 123 -28.76 8.19 42.67
CA SER D 123 -27.51 8.66 42.08
C SER D 123 -26.51 7.53 41.93
N LEU D 124 -26.42 6.66 42.94
CA LEU D 124 -25.52 5.51 42.84
C LEU D 124 -25.92 4.59 41.71
N THR D 125 -27.21 4.30 41.57
CA THR D 125 -27.66 3.42 40.49
C THR D 125 -27.39 4.02 39.12
N LEU D 126 -27.67 5.31 38.94
CA LEU D 126 -27.40 5.95 37.67
C LEU D 126 -25.90 5.99 37.37
N GLY D 127 -25.07 6.22 38.39
CA GLY D 127 -23.63 6.19 38.18
C GLY D 127 -23.12 4.83 37.77
N THR D 128 -23.65 3.77 38.40
CA THR D 128 -23.30 2.41 37.97
C THR D 128 -23.72 2.16 36.53
N PHE D 129 -24.92 2.62 36.16
CA PHE D 129 -25.36 2.49 34.77
C PHE D 129 -24.39 3.19 33.82
N THR D 130 -24.01 4.43 34.16
CA THR D 130 -23.09 5.19 33.32
C THR D 130 -21.77 4.47 33.14
N VAL D 131 -21.16 4.02 34.24
CA VAL D 131 -19.85 3.40 34.13
C VAL D 131 -19.94 2.10 33.36
N LEU D 132 -21.03 1.33 33.55
CA LEU D 132 -21.19 0.08 32.82
C LEU D 132 -21.29 0.33 31.32
N GLU D 133 -22.19 1.24 30.91
CA GLU D 133 -22.37 1.47 29.48
C GLU D 133 -21.13 2.09 28.85
N ASN D 134 -20.47 3.00 29.55
CA ASN D 134 -19.26 3.60 29.00
C ASN D 134 -18.13 2.58 28.88
N LEU D 135 -18.02 1.68 29.85
CA LEU D 135 -17.03 0.61 29.74
C LEU D 135 -17.34 -0.29 28.54
N LEU D 136 -18.61 -0.60 28.32
CA LEU D 136 -18.99 -1.41 27.16
C LEU D 136 -18.62 -0.69 25.85
N VAL D 137 -18.89 0.60 25.77
CA VAL D 137 -18.57 1.37 24.58
C VAL D 137 -17.06 1.42 24.34
N LEU D 138 -16.29 1.64 25.40
CA LEU D 138 -14.84 1.64 25.27
C LEU D 138 -14.34 0.28 24.82
N CYS D 139 -14.91 -0.80 25.36
CA CYS D 139 -14.51 -2.14 24.96
C CYS D 139 -14.80 -2.38 23.48
N VAL D 140 -15.96 -1.93 23.00
CA VAL D 140 -16.31 -2.20 21.60
C VAL D 140 -15.50 -1.33 20.65
N ILE D 141 -15.10 -0.12 21.07
CA ILE D 141 -14.38 0.75 20.15
C ILE D 141 -12.88 0.45 20.14
N LEU D 142 -12.29 0.21 21.31
CA LEU D 142 -10.84 0.19 21.47
C LEU D 142 -10.18 -1.09 20.96
N HIS D 143 -10.87 -1.88 20.12
CA HIS D 143 -10.26 -3.08 19.55
C HIS D 143 -9.09 -2.78 18.61
N SER D 144 -8.83 -1.50 18.31
CA SER D 144 -7.71 -1.09 17.46
C SER D 144 -7.81 -1.67 16.05
N ARG D 145 -9.02 -1.98 15.62
CA ARG D 145 -9.28 -2.46 14.27
C ARG D 145 -9.61 -1.27 13.36
N SER D 146 -10.17 -1.56 12.18
CA SER D 146 -10.48 -0.53 11.21
C SER D 146 -11.47 0.50 11.75
N LEU D 147 -12.22 0.17 12.81
CA LEU D 147 -13.11 1.14 13.44
C LEU D 147 -12.32 2.32 13.98
N ARG D 148 -11.14 2.06 14.55
CA ARG D 148 -10.33 3.13 15.12
C ARG D 148 -9.85 4.13 14.07
N CYS D 149 -9.86 3.73 12.79
CA CYS D 149 -9.26 4.56 11.75
C CYS D 149 -9.98 5.90 11.59
N ARG D 150 -11.30 5.89 11.50
CA ARG D 150 -12.03 7.12 11.21
C ARG D 150 -12.12 7.99 12.46
N PRO D 151 -12.01 9.31 12.31
CA PRO D 151 -12.08 10.21 13.49
C PRO D 151 -13.42 10.23 14.19
N SER D 152 -14.50 9.79 13.53
CA SER D 152 -15.81 9.80 14.20
C SER D 152 -15.81 8.93 15.44
N TYR D 153 -15.26 7.72 15.34
CA TYR D 153 -15.13 6.88 16.52
C TYR D 153 -14.11 7.42 17.49
N HIS D 154 -13.14 8.20 17.02
CA HIS D 154 -12.25 8.90 17.94
C HIS D 154 -13.03 9.84 18.84
N PHE D 155 -13.90 10.67 18.25
CA PHE D 155 -14.72 11.58 19.05
C PHE D 155 -15.69 10.80 19.94
N ILE D 156 -16.26 9.71 19.41
CA ILE D 156 -17.22 8.94 20.20
C ILE D 156 -16.54 8.32 21.43
N GLY D 157 -15.36 7.75 21.24
CA GLY D 157 -14.61 7.21 22.35
C GLY D 157 -14.15 8.28 23.33
N SER D 158 -13.81 9.47 22.82
CA SER D 158 -13.50 10.59 23.71
C SER D 158 -14.68 10.90 24.61
N LEU D 159 -15.87 11.02 24.02
CA LEU D 159 -17.07 11.26 24.83
C LEU D 159 -17.29 10.14 25.83
N ALA D 160 -17.10 8.89 25.39
CA ALA D 160 -17.34 7.74 26.28
C ALA D 160 -16.42 7.78 27.48
N VAL D 161 -15.11 7.97 27.26
CA VAL D 161 -14.17 7.95 28.37
C VAL D 161 -14.35 9.16 29.26
N ALA D 162 -14.63 10.33 28.67
CA ALA D 162 -14.86 11.53 29.48
C ALA D 162 -16.05 11.33 30.39
N ASP D 163 -17.15 10.79 29.86
CA ASP D 163 -18.32 10.52 30.71
C ASP D 163 -18.01 9.46 31.75
N LEU D 164 -17.24 8.43 31.37
CA LEU D 164 -16.92 7.36 32.31
C LEU D 164 -16.19 7.89 33.53
N LEU D 165 -15.19 8.74 33.30
CA LEU D 165 -14.45 9.28 34.45
C LEU D 165 -15.27 10.33 35.19
N GLY D 166 -15.96 11.20 34.46
CA GLY D 166 -16.68 12.29 35.10
C GLY D 166 -17.82 11.81 35.97
N SER D 167 -18.59 10.84 35.49
CA SER D 167 -19.73 10.35 36.26
C SER D 167 -19.29 9.77 37.59
N VAL D 168 -18.24 8.93 37.58
CA VAL D 168 -17.81 8.29 38.81
C VAL D 168 -17.20 9.32 39.76
N ILE D 169 -16.37 10.23 39.26
CA ILE D 169 -15.77 11.24 40.13
C ILE D 169 -16.85 12.12 40.75
N PHE D 170 -17.81 12.56 39.93
CA PHE D 170 -18.86 13.44 40.41
C PHE D 170 -19.75 12.73 41.42
N VAL D 171 -20.11 11.47 41.17
CA VAL D 171 -20.99 10.77 42.10
C VAL D 171 -20.27 10.50 43.41
N TYR D 172 -18.97 10.18 43.36
CA TYR D 172 -18.21 9.98 44.59
C TYR D 172 -18.13 11.27 45.40
N SER D 173 -17.84 12.38 44.73
CA SER D 173 -17.78 13.66 45.44
C SER D 173 -19.14 14.04 46.01
N PHE D 174 -20.22 13.81 45.25
CA PHE D 174 -21.55 14.20 45.71
C PHE D 174 -21.99 13.36 46.91
N ILE D 175 -21.71 12.06 46.89
CA ILE D 175 -22.10 11.23 48.03
C ILE D 175 -21.23 11.57 49.24
N ASP D 176 -19.95 11.87 49.03
CA ASP D 176 -19.11 12.27 50.16
C ASP D 176 -19.55 13.60 50.75
N PHE D 177 -20.09 14.49 49.93
CA PHE D 177 -20.48 15.81 50.42
C PHE D 177 -21.75 15.77 51.26
N HIS D 178 -22.74 14.98 50.84
CA HIS D 178 -24.07 15.07 51.43
C HIS D 178 -24.33 14.06 52.54
N VAL D 179 -24.02 12.78 52.34
CA VAL D 179 -24.33 11.77 53.35
C VAL D 179 -23.25 11.66 54.42
N PHE D 180 -22.11 12.31 54.24
CA PHE D 180 -21.08 12.36 55.26
C PHE D 180 -20.83 13.76 55.81
N HIS D 181 -21.30 14.80 55.11
CA HIS D 181 -21.20 16.18 55.56
C HIS D 181 -19.74 16.57 55.86
N ARG D 182 -18.86 16.20 54.94
CA ARG D 182 -17.44 16.53 55.07
C ARG D 182 -17.24 17.95 54.56
N LYS D 183 -17.11 18.91 55.49
CA LYS D 183 -16.90 20.30 55.11
C LYS D 183 -15.55 20.48 54.41
N ASP D 184 -14.52 19.80 54.91
CA ASP D 184 -13.17 19.84 54.34
C ASP D 184 -12.66 21.28 54.38
N SER D 185 -11.73 21.63 53.49
CA SER D 185 -11.17 22.97 53.43
C SER D 185 -11.34 23.52 52.01
N ARG D 186 -11.01 24.82 51.87
CA ARG D 186 -11.18 25.48 50.59
C ARG D 186 -10.30 24.88 49.51
N ASN D 187 -9.04 24.61 49.87
CA ASN D 187 -8.07 24.12 48.85
C ASN D 187 -8.55 22.80 48.28
N VAL D 188 -8.85 21.85 49.16
CA VAL D 188 -9.26 20.53 48.69
C VAL D 188 -10.60 20.60 47.98
N PHE D 189 -11.51 21.44 48.45
CA PHE D 189 -12.83 21.55 47.82
C PHE D 189 -12.71 22.07 46.39
N LEU D 190 -11.91 23.11 46.18
CA LEU D 190 -11.78 23.67 44.84
C LEU D 190 -11.16 22.67 43.87
N PHE D 191 -10.16 21.91 44.35
CA PHE D 191 -9.56 20.87 43.52
C PHE D 191 -10.59 19.80 43.17
N LYS D 192 -11.42 19.41 44.13
CA LYS D 192 -12.41 18.37 43.89
C LYS D 192 -13.45 18.81 42.87
N LEU D 193 -13.90 20.07 42.96
CA LEU D 193 -14.95 20.55 42.07
C LEU D 193 -14.46 20.78 40.64
N GLY D 194 -13.14 20.87 40.43
CA GLY D 194 -12.62 21.07 39.10
C GLY D 194 -12.86 19.91 38.17
N GLY D 195 -12.84 18.67 38.71
CA GLY D 195 -13.00 17.51 37.86
C GLY D 195 -14.35 17.44 37.17
N VAL D 196 -15.41 17.81 37.89
CA VAL D 196 -16.75 17.78 37.31
C VAL D 196 -16.85 18.77 36.14
N THR D 197 -16.34 19.98 36.35
CA THR D 197 -16.38 20.98 35.29
C THR D 197 -15.55 20.55 34.09
N ALA D 198 -14.36 19.99 34.33
CA ALA D 198 -13.52 19.52 33.24
C ALA D 198 -14.22 18.42 32.44
N SER D 199 -14.81 17.46 33.15
CA SER D 199 -15.49 16.35 32.47
C SER D 199 -16.67 16.84 31.66
N PHE D 200 -17.48 17.76 32.22
CA PHE D 200 -18.64 18.24 31.50
C PHE D 200 -18.25 19.07 30.28
N THR D 201 -17.22 19.92 30.42
CA THR D 201 -16.76 20.68 29.27
C THR D 201 -16.20 19.77 28.19
N ALA D 202 -15.48 18.71 28.58
CA ALA D 202 -14.98 17.74 27.61
C ALA D 202 -16.13 17.02 26.91
N SER D 203 -17.17 16.67 27.65
CA SER D 203 -18.32 16.00 27.04
C SER D 203 -19.01 16.91 26.02
N VAL D 204 -19.22 18.17 26.38
CA VAL D 204 -19.85 19.10 25.45
C VAL D 204 -18.97 19.31 24.23
N GLY D 205 -17.65 19.38 24.43
CA GLY D 205 -16.74 19.49 23.29
C GLY D 205 -16.79 18.28 22.38
N SER D 206 -16.91 17.08 22.96
CA SER D 206 -17.02 15.88 22.14
C SER D 206 -18.30 15.88 21.32
N LEU D 207 -19.43 16.27 21.94
CA LEU D 207 -20.67 16.39 21.18
C LEU D 207 -20.53 17.42 20.07
N PHE D 208 -19.90 18.55 20.37
CA PHE D 208 -19.70 19.59 19.36
C PHE D 208 -18.87 19.07 18.20
N LEU D 209 -17.81 18.30 18.50
CA LEU D 209 -16.95 17.78 17.44
C LEU D 209 -17.68 16.74 16.59
N THR D 210 -18.48 15.87 17.22
CA THR D 210 -19.27 14.93 16.44
C THR D 210 -20.26 15.64 15.53
N ALA D 211 -20.92 16.68 16.06
CA ALA D 211 -21.85 17.46 15.26
C ALA D 211 -21.14 18.13 14.08
N ILE D 212 -19.95 18.67 14.32
CA ILE D 212 -19.19 19.30 13.24
C ILE D 212 -18.79 18.27 12.18
N ASP D 213 -18.38 17.08 12.62
CA ASP D 213 -18.02 16.03 11.69
C ASP D 213 -19.20 15.66 10.79
N ARG D 214 -20.38 15.45 11.39
CA ARG D 214 -21.55 15.10 10.60
C ARG D 214 -22.00 16.26 9.71
N TYR D 215 -21.83 17.49 10.18
CA TYR D 215 -22.13 18.65 9.35
C TYR D 215 -21.24 18.69 8.11
N ILE D 216 -19.94 18.42 8.29
CA ILE D 216 -19.04 18.38 7.15
C ILE D 216 -19.40 17.24 6.21
N SER D 217 -19.77 16.09 6.76
CA SER D 217 -20.16 14.96 5.93
C SER D 217 -21.38 15.28 5.07
N ILE D 218 -22.41 15.89 5.67
CA ILE D 218 -23.62 16.18 4.92
C ILE D 218 -23.41 17.33 3.93
N HIS D 219 -22.70 18.38 4.34
CA HIS D 219 -22.59 19.58 3.52
C HIS D 219 -21.88 19.28 2.20
N ARG D 220 -20.62 18.89 2.26
CA ARG D 220 -19.85 18.54 1.06
C ARG D 220 -19.37 17.10 1.17
N PRO D 221 -19.88 16.18 0.33
CA PRO D 221 -19.49 14.78 0.45
C PRO D 221 -18.30 14.35 -0.40
N LEU D 222 -17.90 15.17 -1.37
CA LEU D 222 -16.79 14.77 -2.24
C LEU D 222 -15.46 14.88 -1.52
N ALA D 223 -15.25 15.94 -0.75
CA ALA D 223 -13.97 16.19 -0.10
C ALA D 223 -13.93 15.73 1.35
N TYR D 224 -14.97 15.05 1.83
CA TYR D 224 -15.00 14.65 3.24
C TYR D 224 -13.91 13.66 3.57
N LYS D 225 -13.50 12.82 2.62
CA LYS D 225 -12.49 11.81 2.89
C LYS D 225 -11.13 12.41 3.20
N ARG D 226 -10.89 13.66 2.79
CA ARG D 226 -9.61 14.33 3.04
C ARG D 226 -9.72 15.51 3.99
N ILE D 227 -10.89 16.15 4.08
CA ILE D 227 -11.03 17.29 4.99
C ILE D 227 -10.88 16.84 6.45
N VAL D 228 -11.53 15.74 6.80
CA VAL D 228 -11.45 15.18 8.15
C VAL D 228 -10.47 14.02 8.10
N THR D 229 -9.29 14.22 8.71
CA THR D 229 -8.23 13.24 8.69
C THR D 229 -7.60 13.16 10.07
N ARG D 230 -6.89 12.07 10.33
CA ARG D 230 -6.31 11.82 11.64
C ARG D 230 -5.45 12.96 12.17
N PRO D 231 -4.57 13.59 11.40
CA PRO D 231 -3.79 14.72 11.97
C PRO D 231 -4.66 15.87 12.47
N LYS D 232 -5.54 16.40 11.62
CA LYS D 232 -6.40 17.50 12.04
C LYS D 232 -7.30 17.06 13.19
N ALA D 233 -7.79 15.81 13.15
CA ALA D 233 -8.65 15.31 14.20
C ALA D 233 -7.93 15.31 15.54
N VAL D 234 -6.70 14.80 15.58
CA VAL D 234 -5.98 14.75 16.85
C VAL D 234 -5.57 16.14 17.30
N VAL D 235 -5.26 17.05 16.37
CA VAL D 235 -4.94 18.42 16.75
C VAL D 235 -6.13 19.08 17.42
N ALA D 236 -7.32 18.96 16.82
CA ALA D 236 -8.51 19.56 17.41
C ALA D 236 -8.85 18.89 18.74
N PHE D 237 -8.69 17.57 18.80
CA PHE D 237 -8.93 16.83 20.04
C PHE D 237 -8.06 17.35 21.18
N CYS D 238 -6.74 17.44 20.93
CA CYS D 238 -5.83 17.91 21.96
C CYS D 238 -6.08 19.35 22.33
N LEU D 239 -6.39 20.20 21.33
CA LEU D 239 -6.69 21.60 21.62
C LEU D 239 -7.91 21.72 22.52
N MET D 240 -8.97 20.97 22.23
CA MET D 240 -10.18 21.03 23.04
C MET D 240 -9.90 20.53 24.46
N TRP D 241 -9.15 19.43 24.58
CA TRP D 241 -8.83 18.94 25.92
C TRP D 241 -8.01 19.95 26.71
N THR D 242 -7.02 20.58 26.07
CA THR D 242 -6.20 21.57 26.75
C THR D 242 -7.03 22.76 27.19
N ILE D 243 -7.91 23.26 26.32
CA ILE D 243 -8.76 24.39 26.69
C ILE D 243 -9.65 24.02 27.87
N ALA D 244 -10.25 22.82 27.81
CA ALA D 244 -11.15 22.40 28.89
C ALA D 244 -10.41 22.29 30.22
N ILE D 245 -9.25 21.64 30.23
CA ILE D 245 -8.54 21.45 31.49
C ILE D 245 -8.03 22.80 32.01
N VAL D 246 -7.62 23.69 31.11
CA VAL D 246 -7.14 25.00 31.54
C VAL D 246 -8.26 25.79 32.20
N ILE D 247 -9.42 25.88 31.54
CA ILE D 247 -10.52 26.63 32.13
C ILE D 247 -11.01 25.95 33.40
N ALA D 248 -10.81 24.63 33.53
CA ALA D 248 -11.22 23.93 34.74
C ALA D 248 -10.31 24.23 35.92
N VAL D 249 -8.99 24.25 35.73
CA VAL D 249 -8.07 24.33 36.85
C VAL D 249 -7.49 25.72 37.07
N LEU D 250 -7.06 26.43 36.01
CA LEU D 250 -6.36 27.69 36.22
C LEU D 250 -7.22 28.76 36.90
N PRO D 251 -8.45 29.04 36.44
CA PRO D 251 -9.22 30.11 37.12
C PRO D 251 -9.50 29.81 38.58
N LEU D 252 -9.71 28.55 38.94
CA LEU D 252 -10.03 28.23 40.34
C LEU D 252 -8.84 28.51 41.25
N LEU D 253 -7.62 28.45 40.73
CA LEU D 253 -6.44 28.74 41.54
C LEU D 253 -6.42 30.20 41.97
N GLY D 254 -6.80 31.12 41.09
CA GLY D 254 -6.73 32.53 41.40
C GLY D 254 -8.07 33.15 41.78
N TRP D 255 -9.13 32.79 41.08
CA TRP D 255 -10.44 33.38 41.33
C TRP D 255 -11.05 32.73 42.56
N ASN D 256 -11.29 33.53 43.60
CA ASN D 256 -11.86 33.05 44.85
C ASN D 256 -12.91 34.04 45.33
N CYS D 257 -13.94 33.51 45.99
CA CYS D 257 -14.96 34.37 46.57
C CYS D 257 -14.37 35.27 47.66
N GLU D 258 -13.42 34.74 48.43
CA GLU D 258 -12.80 35.54 49.48
C GLU D 258 -11.92 36.64 48.90
N LYS D 259 -11.55 36.52 47.63
CA LYS D 259 -10.60 37.47 47.04
C LYS D 259 -11.19 38.88 47.00
N LEU D 260 -12.19 39.09 46.15
CA LEU D 260 -12.80 40.42 45.96
C LEU D 260 -13.96 40.30 44.97
N GLN D 261 -14.93 41.20 45.13
CA GLN D 261 -16.21 41.26 44.38
C GLN D 261 -16.81 39.88 44.12
N SER D 262 -17.26 39.22 45.20
CA SER D 262 -17.97 37.96 45.06
C SER D 262 -19.02 37.81 46.14
N VAL D 263 -20.19 37.31 45.76
CA VAL D 263 -21.24 36.94 46.70
C VAL D 263 -21.19 35.45 47.05
N CYS D 264 -20.14 34.75 46.61
CA CYS D 264 -19.90 33.31 46.80
C CYS D 264 -20.87 32.45 46.01
N SER D 265 -21.56 32.99 45.00
CA SER D 265 -22.44 32.26 44.10
C SER D 265 -23.58 31.53 44.81
N ASP D 266 -23.85 31.87 46.07
CA ASP D 266 -25.01 31.34 46.79
C ASP D 266 -25.00 29.81 46.86
N ILE D 267 -25.71 29.15 45.93
CA ILE D 267 -25.86 27.70 46.00
C ILE D 267 -24.50 27.02 45.84
N PHE D 268 -23.67 27.49 44.91
CA PHE D 268 -22.34 26.91 44.98
C PHE D 268 -21.56 27.56 46.12
N PRO D 269 -20.69 26.81 46.79
CA PRO D 269 -20.08 27.36 48.03
C PRO D 269 -19.16 28.56 47.81
N HIS D 270 -18.14 28.43 46.96
CA HIS D 270 -17.02 29.39 46.94
C HIS D 270 -16.68 29.80 45.51
N ILE D 271 -17.70 30.17 44.73
CA ILE D 271 -17.53 30.50 43.32
C ILE D 271 -17.85 31.98 43.12
N ASP D 272 -17.01 32.66 42.33
CA ASP D 272 -17.25 34.06 42.00
C ASP D 272 -18.43 34.18 41.05
N GLU D 273 -19.08 35.35 41.06
CA GLU D 273 -20.18 35.61 40.15
C GLU D 273 -19.72 35.70 38.70
N THR D 274 -18.51 36.22 38.46
CA THR D 274 -18.01 36.32 37.09
C THR D 274 -17.67 34.95 36.52
N TYR D 275 -17.12 34.06 37.36
CA TYR D 275 -16.77 32.73 36.90
C TYR D 275 -18.00 31.92 36.50
N LEU D 276 -19.09 32.08 37.25
CA LEU D 276 -20.31 31.32 36.96
C LEU D 276 -20.89 31.70 35.60
N MET D 277 -20.87 32.99 35.26
CA MET D 277 -21.48 33.43 34.00
C MET D 277 -20.67 32.98 32.79
N PHE D 278 -19.35 32.84 32.94
CA PHE D 278 -18.51 32.46 31.82
C PHE D 278 -18.83 31.05 31.32
N TRP D 279 -18.99 30.10 32.25
CA TRP D 279 -19.24 28.71 31.88
C TRP D 279 -20.59 28.56 31.20
N ILE D 280 -21.61 29.25 31.70
CA ILE D 280 -22.97 29.11 31.19
C ILE D 280 -23.03 29.53 29.72
N GLY D 281 -22.41 30.67 29.39
CA GLY D 281 -22.43 31.14 28.02
C GLY D 281 -21.75 30.18 27.06
N VAL D 282 -20.61 29.63 27.46
CA VAL D 282 -19.88 28.69 26.61
C VAL D 282 -20.72 27.44 26.36
N THR D 283 -21.30 26.89 27.42
CA THR D 283 -22.13 25.69 27.26
C THR D 283 -23.33 25.96 26.37
N SER D 284 -23.98 27.11 26.57
CA SER D 284 -25.14 27.45 25.75
C SER D 284 -24.75 27.60 24.28
N VAL D 285 -23.60 28.23 24.01
CA VAL D 285 -23.17 28.42 22.64
C VAL D 285 -22.90 27.08 21.96
N LEU D 286 -22.20 26.18 22.65
CA LEU D 286 -21.92 24.88 22.06
C LEU D 286 -23.21 24.08 21.81
N LEU D 287 -24.15 24.13 22.76
CA LEU D 287 -25.41 23.43 22.55
C LEU D 287 -26.18 24.02 21.37
N LEU D 288 -26.17 25.35 21.24
CA LEU D 288 -26.85 25.98 20.12
C LEU D 288 -26.23 25.57 18.79
N PHE D 289 -24.89 25.49 18.73
CA PHE D 289 -24.24 25.02 17.51
C PHE D 289 -24.62 23.57 17.19
N ILE D 290 -24.69 22.72 18.21
CA ILE D 290 -25.11 21.34 17.99
C ILE D 290 -26.50 21.29 17.39
N VAL D 291 -27.42 22.08 17.96
CA VAL D 291 -28.79 22.11 17.46
C VAL D 291 -28.83 22.60 16.01
N TYR D 292 -28.07 23.65 15.72
CA TYR D 292 -28.05 24.18 14.36
C TYR D 292 -27.53 23.16 13.35
N ALA D 293 -26.48 22.43 13.73
CA ALA D 293 -25.93 21.42 12.82
C ALA D 293 -26.93 20.30 12.57
N TYR D 294 -27.55 19.80 13.63
CA TYR D 294 -28.53 18.73 13.44
C TYR D 294 -29.79 19.19 12.73
N MET D 295 -30.07 20.50 12.70
CA MET D 295 -31.19 20.97 11.89
C MET D 295 -30.79 21.11 10.43
N TYR D 296 -29.59 21.63 10.16
CA TYR D 296 -29.15 21.78 8.78
C TYR D 296 -28.98 20.43 8.11
N ILE D 297 -28.58 19.40 8.86
CA ILE D 297 -28.46 18.06 8.28
C ILE D 297 -29.80 17.61 7.71
N LEU D 298 -30.87 17.75 8.49
CA LEU D 298 -32.20 17.37 8.03
C LEU D 298 -32.64 18.24 6.86
N TRP D 299 -32.35 19.53 6.90
CA TRP D 299 -32.74 20.39 5.78
C TRP D 299 -32.10 19.91 4.48
N LYS D 300 -30.79 19.64 4.51
CA LYS D 300 -30.10 19.19 3.32
C LYS D 300 -30.59 17.82 2.86
N ALA D 301 -30.85 16.91 3.80
CA ALA D 301 -31.35 15.59 3.43
C ALA D 301 -32.71 15.68 2.75
N HIS D 302 -33.60 16.50 3.29
CA HIS D 302 -34.91 16.67 2.67
C HIS D 302 -34.80 17.31 1.30
N SER D 303 -33.93 18.31 1.15
CA SER D 303 -33.73 18.93 -0.16
C SER D 303 -33.22 17.92 -1.18
N HIS D 304 -32.27 17.07 -0.77
CA HIS D 304 -31.75 16.05 -1.67
C HIS D 304 -32.82 15.05 -2.06
N ALA D 305 -33.66 14.63 -1.09
CA ALA D 305 -34.74 13.70 -1.42
C ALA D 305 -35.74 14.33 -2.39
N VAL D 306 -36.09 15.60 -2.18
CA VAL D 306 -37.00 16.28 -3.09
C VAL D 306 -36.39 16.38 -4.49
N ARG D 307 -35.11 16.70 -4.57
CA ARG D 307 -34.44 16.76 -5.87
C ARG D 307 -34.44 15.40 -6.56
N MET D 308 -34.22 14.33 -5.80
CA MET D 308 -34.24 12.98 -6.36
C MET D 308 -35.62 12.64 -6.90
N ILE D 309 -36.67 12.96 -6.15
CA ILE D 309 -38.02 12.61 -6.57
C ILE D 309 -38.44 13.45 -7.78
N GLN D 310 -38.09 14.74 -7.78
CA GLN D 310 -38.63 15.67 -8.79
C GLN D 310 -38.11 15.33 -10.18
N ARG D 311 -36.80 15.15 -10.32
CA ARG D 311 -36.22 14.97 -11.65
C ARG D 311 -36.62 13.65 -12.29
N GLY D 312 -37.12 12.69 -11.52
CA GLY D 312 -37.59 11.44 -12.08
C GLY D 312 -36.60 10.30 -12.04
N THR D 313 -35.42 10.49 -11.45
CA THR D 313 -34.46 9.41 -11.33
C THR D 313 -35.00 8.32 -10.42
N GLN D 314 -34.59 7.09 -10.69
CA GLN D 314 -35.12 5.92 -10.00
C GLN D 314 -34.21 5.51 -8.85
N LYS D 315 -34.80 5.40 -7.65
CA LYS D 315 -34.08 4.98 -6.46
C LYS D 315 -32.83 5.80 -6.20
N PRO D 332 -40.62 1.95 3.04
CA PRO D 332 -39.81 2.86 2.20
C PRO D 332 -40.60 3.46 1.04
N ASP D 333 -41.93 3.50 1.18
CA ASP D 333 -42.76 4.11 0.14
C ASP D 333 -42.46 5.58 -0.01
N GLN D 334 -42.31 6.30 1.10
CA GLN D 334 -41.92 7.70 1.08
C GLN D 334 -40.40 7.80 0.95
N ALA D 335 -39.86 9.00 1.14
CA ALA D 335 -38.41 9.18 1.11
C ALA D 335 -37.80 8.51 2.34
N ARG D 336 -37.15 7.37 2.14
CA ARG D 336 -36.56 6.63 3.26
C ARG D 336 -35.45 7.43 3.92
N MET D 337 -34.64 8.13 3.12
CA MET D 337 -33.49 8.87 3.65
C MET D 337 -33.93 9.91 4.67
N ASP D 338 -34.77 10.86 4.24
CA ASP D 338 -35.14 11.97 5.11
C ASP D 338 -35.93 11.51 6.32
N ILE D 339 -36.86 10.56 6.11
CA ILE D 339 -37.66 10.07 7.23
C ILE D 339 -36.80 9.36 8.25
N ARG D 340 -35.87 8.51 7.78
CA ARG D 340 -34.99 7.80 8.71
C ARG D 340 -34.09 8.77 9.46
N LEU D 341 -33.55 9.77 8.76
CA LEU D 341 -32.69 10.75 9.44
C LEU D 341 -33.46 11.55 10.46
N ALA D 342 -34.71 11.92 10.15
CA ALA D 342 -35.54 12.63 11.13
C ALA D 342 -35.80 11.77 12.35
N LYS D 343 -36.17 10.51 12.13
CA LYS D 343 -36.42 9.61 13.26
C LYS D 343 -35.17 9.44 14.11
N THR D 344 -33.99 9.46 13.49
CA THR D 344 -32.75 9.32 14.25
C THR D 344 -32.39 10.60 15.01
N LEU D 345 -32.55 11.76 14.37
CA LEU D 345 -31.98 13.00 14.89
C LEU D 345 -32.98 13.92 15.59
N VAL D 346 -34.24 13.49 15.76
CA VAL D 346 -35.12 14.22 16.66
C VAL D 346 -34.93 13.76 18.11
N LEU D 347 -34.71 12.46 18.32
CA LEU D 347 -34.53 11.94 19.66
C LEU D 347 -33.32 12.56 20.35
N ILE D 348 -32.24 12.81 19.60
CA ILE D 348 -31.04 13.39 20.19
C ILE D 348 -31.34 14.78 20.75
N LEU D 349 -32.00 15.61 19.95
CA LEU D 349 -32.34 16.96 20.40
C LEU D 349 -33.30 16.92 21.59
N VAL D 350 -34.30 16.03 21.54
CA VAL D 350 -35.25 15.93 22.64
C VAL D 350 -34.53 15.55 23.93
N VAL D 351 -33.65 14.55 23.85
CA VAL D 351 -32.92 14.10 25.03
C VAL D 351 -32.02 15.21 25.57
N LEU D 352 -31.29 15.88 24.68
CA LEU D 352 -30.39 16.94 25.14
C LEU D 352 -31.15 18.06 25.82
N ILE D 353 -32.28 18.48 25.24
CA ILE D 353 -33.07 19.56 25.83
C ILE D 353 -33.65 19.13 27.17
N ILE D 354 -34.20 17.91 27.23
CA ILE D 354 -34.86 17.47 28.47
C ILE D 354 -33.84 17.23 29.56
N CYS D 355 -32.58 16.98 29.19
CA CYS D 355 -31.55 16.77 30.22
C CYS D 355 -30.95 18.08 30.70
N TRP D 356 -30.63 19.06 29.84
CA TRP D 356 -29.95 20.32 30.28
C TRP D 356 -30.85 21.54 30.16
N GLY D 357 -32.18 21.39 30.18
CA GLY D 357 -33.05 22.54 30.17
C GLY D 357 -33.06 23.30 31.47
N PRO D 358 -33.54 22.67 32.55
CA PRO D 358 -33.66 23.40 33.82
C PRO D 358 -32.33 23.75 34.46
N LEU D 359 -31.31 22.91 34.30
CA LEU D 359 -30.03 23.17 34.94
C LEU D 359 -29.42 24.49 34.47
N LEU D 360 -29.49 24.74 33.16
CA LEU D 360 -29.01 26.01 32.61
C LEU D 360 -29.90 27.18 32.98
N ALA D 361 -31.07 26.93 33.56
CA ALA D 361 -31.98 27.98 33.99
C ALA D 361 -31.88 28.29 35.48
N ILE D 362 -31.69 27.27 36.32
CA ILE D 362 -31.53 27.50 37.76
C ILE D 362 -30.26 28.29 38.03
N MET D 363 -29.16 27.96 37.34
CA MET D 363 -27.92 28.69 37.54
C MET D 363 -28.05 30.15 37.15
N VAL D 364 -28.86 30.45 36.13
CA VAL D 364 -29.18 31.84 35.83
C VAL D 364 -29.96 32.47 36.98
N TYR D 365 -30.92 31.74 37.54
CA TYR D 365 -31.64 32.23 38.71
C TYR D 365 -30.72 32.34 39.92
N ASP D 366 -29.66 31.52 39.96
CA ASP D 366 -28.66 31.64 41.02
C ASP D 366 -27.96 32.98 40.94
N VAL D 367 -27.68 33.46 39.72
CA VAL D 367 -27.06 34.77 39.54
C VAL D 367 -27.99 35.86 40.05
N PHE D 368 -29.31 35.67 39.91
CA PHE D 368 -30.25 36.68 40.36
C PHE D 368 -30.14 36.89 41.87
N GLY D 369 -29.99 35.81 42.64
CA GLY D 369 -29.68 35.90 44.05
C GLY D 369 -30.81 35.56 45.00
N LYS D 370 -32.01 35.32 44.50
CA LYS D 370 -33.13 35.00 45.39
C LYS D 370 -32.97 33.60 45.96
N MET D 371 -33.03 33.51 47.28
CA MET D 371 -32.75 32.28 48.01
C MET D 371 -34.02 31.73 48.63
N ASN D 372 -34.26 30.43 48.42
CA ASN D 372 -35.41 29.76 48.98
C ASN D 372 -34.99 28.41 49.53
N LYS D 373 -35.82 27.85 50.41
CA LYS D 373 -35.54 26.53 50.95
C LYS D 373 -35.70 25.46 49.89
N LEU D 374 -36.69 25.61 49.00
CA LEU D 374 -36.98 24.56 48.03
C LEU D 374 -35.96 24.51 46.89
N ILE D 375 -35.33 25.63 46.56
CA ILE D 375 -34.49 25.69 45.36
C ILE D 375 -33.29 24.77 45.50
N LYS D 376 -32.76 24.62 46.71
CA LYS D 376 -31.70 23.64 46.93
C LYS D 376 -32.20 22.22 46.64
N THR D 377 -33.41 21.91 47.12
CA THR D 377 -33.98 20.59 46.86
C THR D 377 -34.23 20.37 45.37
N VAL D 378 -34.75 21.39 44.67
CA VAL D 378 -35.03 21.20 43.26
C VAL D 378 -33.73 21.09 42.46
N PHE D 379 -32.66 21.75 42.90
CA PHE D 379 -31.36 21.56 42.25
C PHE D 379 -30.83 20.15 42.47
N ALA D 380 -30.96 19.65 43.71
CA ALA D 380 -30.56 18.27 43.98
C ALA D 380 -31.36 17.29 43.13
N PHE D 381 -32.65 17.60 42.91
CA PHE D 381 -33.47 16.74 42.06
C PHE D 381 -33.09 16.88 40.59
N CYS D 382 -32.68 18.07 40.18
CA CYS D 382 -32.30 18.30 38.78
C CYS D 382 -30.94 17.71 38.45
N SER D 383 -30.13 17.39 39.47
CA SER D 383 -28.92 16.62 39.22
C SER D 383 -29.21 15.28 38.55
N MET D 384 -30.43 14.75 38.75
CA MET D 384 -30.86 13.54 38.05
C MET D 384 -30.66 13.67 36.56
N LEU D 385 -31.10 14.80 35.98
CA LEU D 385 -31.02 14.99 34.54
C LEU D 385 -29.57 15.10 34.07
N CYS D 386 -28.72 15.78 34.85
CA CYS D 386 -27.32 15.89 34.48
C CYS D 386 -26.65 14.52 34.43
N LEU D 387 -26.96 13.66 35.40
CA LEU D 387 -26.39 12.32 35.37
C LEU D 387 -27.03 11.47 34.27
N LEU D 388 -28.32 11.65 34.01
CA LEU D 388 -29.01 10.85 33.00
C LEU D 388 -28.55 11.19 31.59
N ASN D 389 -28.11 12.43 31.35
CA ASN D 389 -27.59 12.79 30.04
C ASN D 389 -26.39 11.91 29.67
N SER D 390 -25.43 11.79 30.60
CA SER D 390 -24.30 10.89 30.38
C SER D 390 -24.72 9.43 30.47
N THR D 391 -25.80 9.12 31.19
CA THR D 391 -26.32 7.76 31.19
C THR D 391 -26.76 7.33 29.79
N VAL D 392 -27.42 8.22 29.07
CA VAL D 392 -28.14 7.85 27.86
C VAL D 392 -27.41 8.23 26.57
N ASN D 393 -26.46 9.18 26.61
CA ASN D 393 -25.84 9.64 25.36
C ASN D 393 -25.16 8.52 24.57
N PRO D 394 -24.31 7.67 25.16
CA PRO D 394 -23.69 6.60 24.36
C PRO D 394 -24.70 5.61 23.79
N ILE D 395 -25.82 5.38 24.47
CA ILE D 395 -26.83 4.46 23.94
C ILE D 395 -27.38 5.00 22.63
N ILE D 396 -27.60 6.32 22.53
CA ILE D 396 -28.14 6.92 21.33
C ILE D 396 -27.06 7.24 20.29
N TYR D 397 -25.78 7.26 20.70
CA TYR D 397 -24.71 7.63 19.79
C TYR D 397 -23.99 6.42 19.20
N ALA D 398 -23.48 5.53 20.05
CA ALA D 398 -22.67 4.41 19.60
C ALA D 398 -23.49 3.19 19.20
N LEU D 399 -24.82 3.24 19.35
CA LEU D 399 -25.68 2.14 18.95
C LEU D 399 -26.63 2.49 17.81
N ARG D 400 -26.99 3.76 17.64
CA ARG D 400 -27.84 4.15 16.52
C ARG D 400 -27.13 3.97 15.19
N SER D 401 -25.81 4.06 15.17
CA SER D 401 -25.04 3.94 13.94
C SER D 401 -25.18 2.53 13.37
N LYS D 402 -25.51 2.44 12.09
CA LYS D 402 -25.61 1.13 11.44
C LYS D 402 -24.26 0.42 11.39
N ASP D 403 -23.20 1.17 11.09
CA ASP D 403 -21.86 0.58 11.10
C ASP D 403 -21.49 0.09 12.49
N LEU D 404 -21.74 0.91 13.51
CA LEU D 404 -21.43 0.51 14.88
C LEU D 404 -22.28 -0.66 15.33
N ARG D 405 -23.58 -0.64 14.99
CA ARG D 405 -24.45 -1.76 15.36
C ARG D 405 -24.00 -3.06 14.69
N HIS D 406 -23.64 -2.99 13.40
CA HIS D 406 -23.15 -4.18 12.72
C HIS D 406 -21.84 -4.67 13.32
N ALA D 407 -20.95 -3.73 13.68
CA ALA D 407 -19.70 -4.12 14.32
C ALA D 407 -19.96 -4.82 15.66
N PHE D 408 -20.89 -4.30 16.45
CA PHE D 408 -21.24 -4.95 17.71
C PHE D 408 -21.85 -6.32 17.48
N ARG D 409 -22.73 -6.44 16.49
CA ARG D 409 -23.36 -7.72 16.21
C ARG D 409 -22.34 -8.74 15.72
N SER D 410 -21.47 -8.33 14.78
CA SER D 410 -20.43 -9.23 14.30
C SER D 410 -19.43 -9.55 15.40
N MET D 411 -19.03 -8.53 16.17
CA MET D 411 -18.06 -8.72 17.25
C MET D 411 -18.37 -7.81 18.42
N VAL E 2 27.52 12.82 -18.70
CA VAL E 2 28.20 12.41 -19.91
C VAL E 2 29.14 13.52 -20.38
N GLN E 3 28.83 14.75 -19.99
CA GLN E 3 29.67 15.89 -20.32
C GLN E 3 29.38 17.02 -19.34
N LEU E 4 30.36 17.91 -19.16
CA LEU E 4 30.24 19.05 -18.29
C LEU E 4 30.57 20.32 -19.07
N VAL E 5 29.78 21.36 -18.86
CA VAL E 5 30.08 22.70 -19.37
C VAL E 5 30.42 23.57 -18.16
N GLU E 6 31.68 23.95 -18.03
CA GLU E 6 32.17 24.68 -16.87
C GLU E 6 32.45 26.12 -17.25
N SER E 7 31.93 27.05 -16.44
CA SER E 7 32.14 28.48 -16.64
C SER E 7 32.88 29.05 -15.44
N GLY E 8 33.96 29.76 -15.71
CA GLY E 8 34.80 30.34 -14.68
C GLY E 8 36.26 30.19 -15.06
N GLY E 9 37.06 31.17 -14.63
CA GLY E 9 38.48 31.17 -14.88
C GLY E 9 39.00 32.59 -15.03
N GLY E 10 40.30 32.69 -15.27
CA GLY E 10 40.95 33.97 -15.44
C GLY E 10 41.75 34.39 -14.22
N LEU E 11 42.13 35.67 -14.21
CA LEU E 11 42.93 36.25 -13.14
C LEU E 11 42.07 37.21 -12.33
N VAL E 12 42.12 37.07 -11.01
CA VAL E 12 41.31 37.85 -10.08
C VAL E 12 42.22 38.38 -8.97
N GLN E 13 41.61 39.08 -8.02
CA GLN E 13 42.29 39.63 -6.86
C GLN E 13 41.55 39.22 -5.59
N PRO E 14 42.26 39.11 -4.46
CA PRO E 14 41.61 38.69 -3.22
C PRO E 14 40.53 39.68 -2.79
N GLY E 15 39.48 39.14 -2.16
CA GLY E 15 38.36 39.94 -1.71
C GLY E 15 37.26 40.14 -2.72
N GLY E 16 37.43 39.66 -3.95
CA GLY E 16 36.43 39.81 -4.98
C GLY E 16 35.62 38.54 -5.16
N SER E 17 34.33 38.64 -4.90
CA SER E 17 33.45 37.48 -5.04
C SER E 17 33.32 37.06 -6.50
N ARG E 18 33.26 35.75 -6.72
CA ARG E 18 33.12 35.20 -8.05
C ARG E 18 32.38 33.87 -7.97
N LYS E 19 31.65 33.54 -9.04
CA LYS E 19 30.87 32.31 -9.12
C LYS E 19 31.45 31.42 -10.21
N LEU E 20 31.62 30.14 -9.90
CA LEU E 20 32.07 29.13 -10.84
C LEU E 20 30.94 28.13 -11.05
N SER E 21 30.51 27.96 -12.30
CA SER E 21 29.30 27.22 -12.61
C SER E 21 29.62 25.96 -13.41
N CYS E 22 28.76 24.96 -13.27
CA CYS E 22 28.85 23.75 -14.06
C CYS E 22 27.46 23.32 -14.50
N SER E 23 27.36 22.84 -15.74
CA SER E 23 26.10 22.39 -16.29
C SER E 23 26.25 21.00 -16.89
N ALA E 24 25.21 20.19 -16.75
CA ALA E 24 25.20 18.80 -17.18
C ALA E 24 24.12 18.56 -18.21
N SER E 25 24.04 19.42 -19.23
CA SER E 25 23.01 19.30 -20.25
C SER E 25 23.11 17.96 -20.97
N GLY E 26 21.95 17.44 -21.36
CA GLY E 26 21.89 16.10 -21.94
C GLY E 26 22.25 15.03 -20.94
N PHE E 27 21.89 15.22 -19.67
CA PHE E 27 22.25 14.30 -18.61
C PHE E 27 21.42 14.59 -17.36
N ALA E 28 20.79 13.57 -16.79
CA ALA E 28 19.98 13.77 -15.61
C ALA E 28 20.86 14.06 -14.39
N PHE E 29 20.53 15.12 -13.67
CA PHE E 29 21.34 15.53 -12.52
C PHE E 29 20.50 16.03 -11.35
N SER E 30 19.18 15.82 -11.38
CA SER E 30 18.32 16.33 -10.32
C SER E 30 18.51 15.62 -8.99
N SER E 31 19.25 14.51 -8.96
CA SER E 31 19.45 13.73 -7.74
C SER E 31 20.91 13.35 -7.59
N PHE E 32 21.81 14.31 -7.77
CA PHE E 32 23.24 14.07 -7.72
C PHE E 32 23.90 15.02 -6.74
N GLY E 33 24.73 14.48 -5.84
CA GLY E 33 25.56 15.31 -5.01
C GLY E 33 26.65 16.00 -5.82
N MET E 34 27.13 17.13 -5.30
CA MET E 34 27.90 18.10 -6.09
C MET E 34 29.25 18.39 -5.41
N HIS E 35 30.06 17.34 -5.20
CA HIS E 35 31.37 17.55 -4.63
C HIS E 35 32.20 18.49 -5.50
N TRP E 36 32.90 19.42 -4.86
CA TRP E 36 33.81 20.35 -5.53
C TRP E 36 35.23 20.09 -5.03
N VAL E 37 36.18 20.02 -5.97
CA VAL E 37 37.53 19.59 -5.67
C VAL E 37 38.51 20.65 -6.15
N ARG E 38 39.57 20.87 -5.38
CA ARG E 38 40.59 21.87 -5.70
C ARG E 38 41.94 21.19 -5.91
N GLN E 39 42.71 21.71 -6.86
CA GLN E 39 43.98 21.14 -7.29
C GLN E 39 45.15 21.85 -6.62
N ALA E 40 46.03 21.08 -6.00
CA ALA E 40 47.30 21.58 -5.52
C ALA E 40 48.39 21.17 -6.51
N PRO E 41 49.15 22.12 -7.06
CA PRO E 41 50.18 21.73 -8.04
C PRO E 41 51.22 20.78 -7.49
N GLU E 42 51.52 20.85 -6.20
CA GLU E 42 52.51 19.98 -5.58
C GLU E 42 51.92 18.93 -4.65
N LYS E 43 50.67 19.07 -4.25
CA LYS E 43 50.02 18.15 -3.32
C LYS E 43 48.79 17.52 -3.98
N GLY E 44 48.03 16.78 -3.20
CA GLY E 44 46.85 16.12 -3.72
C GLY E 44 45.61 16.99 -3.68
N LEU E 45 44.59 16.53 -4.40
CA LEU E 45 43.32 17.23 -4.44
C LEU E 45 42.64 17.21 -3.06
N GLU E 46 41.88 18.26 -2.78
CA GLU E 46 41.10 18.33 -1.54
C GLU E 46 39.69 18.77 -1.86
N TRP E 47 38.72 18.19 -1.15
CA TRP E 47 37.32 18.53 -1.34
C TRP E 47 36.98 19.82 -0.60
N VAL E 48 36.32 20.73 -1.29
CA VAL E 48 36.12 22.09 -0.76
C VAL E 48 34.65 22.44 -0.55
N ALA E 49 33.71 21.80 -1.24
CA ALA E 49 32.31 22.15 -1.10
C ALA E 49 31.44 20.97 -1.48
N TYR E 50 30.21 20.97 -0.98
CA TYR E 50 29.31 19.85 -1.17
C TYR E 50 27.86 20.34 -1.10
N ILE E 51 26.99 19.63 -1.81
CA ILE E 51 25.55 19.74 -1.62
C ILE E 51 24.94 18.42 -2.05
N SER E 52 23.86 18.03 -1.38
CA SER E 52 23.19 16.77 -1.62
C SER E 52 21.92 17.01 -2.44
N SER E 53 21.22 15.91 -2.73
CA SER E 53 19.99 15.97 -3.50
C SER E 53 18.90 16.70 -2.72
N GLY E 54 18.21 17.62 -3.40
CA GLY E 54 17.18 18.42 -2.77
C GLY E 54 17.66 19.67 -2.08
N SER E 55 18.97 19.93 -2.10
CA SER E 55 19.55 21.11 -1.46
C SER E 55 19.24 21.17 0.03
N GLY E 56 19.10 20.01 0.67
CA GLY E 56 18.83 19.92 2.09
C GLY E 56 20.03 19.63 2.96
N THR E 57 21.24 19.70 2.42
CA THR E 57 22.44 19.43 3.19
C THR E 57 23.63 20.05 2.48
N ILE E 58 24.40 20.86 3.21
CA ILE E 58 25.61 21.49 2.69
C ILE E 58 26.73 21.30 3.69
N TYR E 59 27.89 20.89 3.22
CA TYR E 59 29.05 20.63 4.05
C TYR E 59 30.19 21.54 3.63
N TYR E 60 31.28 21.50 4.42
CA TYR E 60 32.46 22.30 4.13
C TYR E 60 33.70 21.59 4.67
N ALA E 61 34.85 21.97 4.13
CA ALA E 61 36.12 21.36 4.50
C ALA E 61 36.56 21.90 5.87
N ASP E 62 37.80 21.56 6.25
CA ASP E 62 38.29 21.88 7.59
C ASP E 62 38.37 23.38 7.83
N THR E 63 38.87 24.14 6.85
CA THR E 63 39.15 25.56 7.03
C THR E 63 38.50 26.43 5.96
N VAL E 64 37.23 26.16 5.63
CA VAL E 64 36.53 26.93 4.61
C VAL E 64 35.15 27.38 5.04
N LYS E 65 34.73 27.06 6.27
CA LYS E 65 33.42 27.52 6.72
C LYS E 65 33.33 29.05 6.67
N GLY E 66 32.20 29.54 6.14
CA GLY E 66 32.03 30.96 5.94
C GLY E 66 32.75 31.54 4.74
N ARG E 67 33.25 30.69 3.85
CA ARG E 67 34.01 31.15 2.69
C ARG E 67 33.41 30.76 1.36
N PHE E 68 32.79 29.57 1.25
CA PHE E 68 32.20 29.09 0.01
C PHE E 68 30.69 28.97 0.20
N THR E 69 29.94 28.97 -0.91
CA THR E 69 28.54 28.59 -0.82
C THR E 69 28.05 27.98 -2.13
N ILE E 70 27.43 26.81 -2.03
CA ILE E 70 26.86 26.11 -3.19
C ILE E 70 25.43 26.58 -3.40
N SER E 71 25.10 26.97 -4.63
CA SER E 71 23.73 27.26 -5.01
C SER E 71 23.33 26.33 -6.16
N ARG E 72 22.26 25.59 -5.95
CA ARG E 72 21.78 24.61 -6.93
C ARG E 72 20.31 24.87 -7.22
N ASP E 73 19.98 24.96 -8.51
CA ASP E 73 18.60 25.13 -8.95
C ASP E 73 18.51 24.51 -10.35
N ASP E 74 18.03 23.26 -10.42
CA ASP E 74 17.95 22.53 -11.68
C ASP E 74 16.91 23.05 -12.69
N PRO E 75 15.83 23.76 -12.31
CA PRO E 75 14.90 24.20 -13.37
C PRO E 75 15.56 25.07 -14.43
N LYS E 76 16.49 25.94 -14.03
CA LYS E 76 17.19 26.82 -14.95
C LYS E 76 18.64 26.42 -15.18
N ASN E 77 19.02 25.20 -14.74
CA ASN E 77 20.38 24.70 -14.88
C ASN E 77 21.39 25.64 -14.23
N THR E 78 21.04 26.18 -13.07
CA THR E 78 21.90 27.13 -12.35
C THR E 78 22.56 26.38 -11.20
N LEU E 79 23.77 25.87 -11.43
CA LEU E 79 24.46 24.98 -10.50
C LEU E 79 25.88 25.48 -10.32
N PHE E 80 26.11 26.26 -9.25
CA PHE E 80 27.41 26.91 -9.14
C PHE E 80 27.83 27.12 -7.69
N LEU E 81 29.07 27.60 -7.55
CA LEU E 81 29.70 27.98 -6.30
C LEU E 81 29.92 29.48 -6.28
N GLN E 82 29.60 30.11 -5.16
CA GLN E 82 29.82 31.53 -4.96
C GLN E 82 30.87 31.74 -3.87
N MET E 83 31.81 32.63 -4.17
CA MET E 83 32.97 32.89 -3.33
C MET E 83 32.69 34.04 -2.38
N THR E 84 33.01 33.84 -1.10
CA THR E 84 32.88 34.90 -0.10
C THR E 84 34.20 35.04 0.63
N SER E 85 34.67 36.29 0.77
CA SER E 85 35.92 36.61 1.46
C SER E 85 37.10 35.90 0.81
N LEU E 86 37.31 36.21 -0.46
CA LEU E 86 38.39 35.60 -1.23
C LEU E 86 39.75 36.09 -0.74
N ARG E 87 40.68 35.16 -0.61
CA ARG E 87 42.04 35.47 -0.16
C ARG E 87 43.02 35.27 -1.30
N SER E 88 44.23 35.82 -1.12
CA SER E 88 45.22 35.83 -2.19
C SER E 88 45.69 34.43 -2.54
N GLU E 89 45.89 33.57 -1.53
CA GLU E 89 46.43 32.23 -1.75
C GLU E 89 45.31 31.30 -2.23
N ASP E 90 44.83 31.57 -3.45
CA ASP E 90 43.80 30.75 -4.06
C ASP E 90 44.06 30.53 -5.54
N THR E 91 45.32 30.54 -5.95
CA THR E 91 45.72 30.29 -7.34
C THR E 91 45.73 28.78 -7.56
N ALA E 92 44.67 28.26 -8.17
CA ALA E 92 44.53 26.82 -8.31
C ALA E 92 43.49 26.52 -9.39
N MET E 93 43.27 25.23 -9.63
CA MET E 93 42.30 24.76 -10.60
C MET E 93 41.23 23.96 -9.86
N TYR E 94 40.06 23.82 -10.47
CA TYR E 94 38.93 23.20 -9.79
C TYR E 94 38.25 22.16 -10.67
N TYR E 95 37.83 21.07 -10.03
CA TYR E 95 36.99 20.04 -10.61
C TYR E 95 35.62 20.05 -9.95
N CYS E 96 34.61 19.67 -10.71
CA CYS E 96 33.25 19.50 -10.20
C CYS E 96 32.80 18.08 -10.48
N VAL E 97 32.61 17.29 -9.42
CA VAL E 97 32.25 15.88 -9.56
C VAL E 97 30.89 15.67 -8.90
N ARG E 98 29.96 15.11 -9.67
CA ARG E 98 28.63 14.81 -9.17
C ARG E 98 28.50 13.31 -8.96
N SER E 99 27.93 12.93 -7.83
CA SER E 99 27.78 11.52 -7.47
C SER E 99 26.68 11.38 -6.43
N ILE E 100 25.95 10.27 -6.52
CA ILE E 100 24.86 9.98 -5.59
C ILE E 100 25.08 8.56 -5.07
N TYR E 101 24.51 8.30 -3.88
CA TYR E 101 24.82 7.10 -3.11
C TYR E 101 23.60 6.21 -3.05
N TYR E 102 23.77 4.95 -3.42
CA TYR E 102 22.76 3.91 -3.26
C TYR E 102 23.42 2.72 -2.55
N TYR E 103 22.72 1.59 -2.53
CA TYR E 103 23.40 0.33 -2.22
C TYR E 103 23.93 -0.28 -3.50
N GLY E 104 25.20 -0.68 -3.47
CA GLY E 104 25.83 -1.21 -4.66
C GLY E 104 26.15 -0.17 -5.71
N SER E 105 26.05 1.11 -5.38
CA SER E 105 26.32 2.16 -6.34
C SER E 105 27.83 2.30 -6.56
N SER E 106 28.20 3.24 -7.42
CA SER E 106 29.59 3.54 -7.74
C SER E 106 29.82 5.03 -7.52
N PRO E 107 30.07 5.44 -6.28
CA PRO E 107 30.33 6.85 -6.02
C PRO E 107 31.55 7.36 -6.78
N PHE E 108 31.46 8.61 -7.22
CA PHE E 108 32.53 9.28 -7.97
C PHE E 108 32.86 8.54 -9.27
N ASP E 109 31.85 7.92 -9.89
CA ASP E 109 32.09 7.13 -11.10
C ASP E 109 32.45 8.00 -12.30
N PHE E 110 32.01 9.25 -12.34
CA PHE E 110 32.29 10.13 -13.46
C PHE E 110 32.78 11.47 -12.94
N TRP E 111 33.63 12.14 -13.72
CA TRP E 111 34.29 13.36 -13.32
C TRP E 111 34.12 14.43 -14.38
N GLY E 112 34.19 15.68 -13.96
CA GLY E 112 34.08 16.81 -14.85
C GLY E 112 35.39 17.17 -15.51
N GLN E 113 35.41 18.34 -16.13
CA GLN E 113 36.60 18.84 -16.84
C GLN E 113 37.42 19.79 -15.99
N GLY E 114 36.78 20.71 -15.27
CA GLY E 114 37.49 21.64 -14.42
C GLY E 114 37.95 22.89 -15.15
N THR E 115 38.37 23.87 -14.36
CA THR E 115 38.86 25.13 -14.90
C THR E 115 39.85 25.75 -13.92
N THR E 116 40.86 26.43 -14.46
CA THR E 116 41.88 27.07 -13.65
C THR E 116 41.45 28.47 -13.24
N LEU E 117 42.16 29.02 -12.26
CA LEU E 117 41.86 30.37 -11.77
C LEU E 117 43.08 30.87 -11.02
N THR E 118 43.58 32.05 -11.41
CA THR E 118 44.76 32.63 -10.80
C THR E 118 44.35 33.82 -9.93
N VAL E 119 44.99 33.94 -8.77
CA VAL E 119 44.76 35.05 -7.85
C VAL E 119 46.10 35.74 -7.62
N SER E 120 46.08 37.07 -7.73
CA SER E 120 47.31 37.85 -7.56
C SER E 120 47.86 37.69 -6.16
N SER E 121 49.18 37.60 -6.07
CA SER E 121 49.87 37.45 -4.78
C SER E 121 50.26 38.80 -4.20
N SER E 136 41.53 17.17 14.33
CA SER E 136 41.09 15.78 14.32
C SER E 136 40.94 15.27 12.88
N ASP E 137 41.49 16.02 11.93
CA ASP E 137 41.41 15.63 10.53
C ASP E 137 42.20 14.35 10.28
N ILE E 138 41.62 13.45 9.49
CA ILE E 138 42.30 12.20 9.16
C ILE E 138 43.34 12.47 8.07
N VAL E 139 44.58 12.05 8.34
CA VAL E 139 45.70 12.27 7.43
C VAL E 139 46.29 10.92 7.07
N MET E 140 46.47 10.67 5.78
CA MET E 140 47.08 9.45 5.28
C MET E 140 48.52 9.71 4.87
N THR E 141 49.29 8.63 4.77
CA THR E 141 50.70 8.70 4.41
C THR E 141 50.91 7.97 3.09
N GLN E 142 51.57 8.64 2.15
CA GLN E 142 51.95 8.03 0.88
C GLN E 142 53.28 7.31 1.04
N ALA E 143 53.35 6.08 0.53
CA ALA E 143 54.59 5.32 0.60
C ALA E 143 55.70 6.00 -0.21
N THR E 144 55.37 6.50 -1.39
CA THR E 144 56.34 7.18 -2.24
C THR E 144 55.69 8.40 -2.87
N SER E 145 56.52 9.37 -3.23
CA SER E 145 56.05 10.60 -3.84
C SER E 145 57.12 11.12 -4.80
N SER E 146 56.65 11.78 -5.86
CA SER E 146 57.53 12.37 -6.87
C SER E 146 58.46 11.33 -7.50
N VAL E 147 57.93 10.13 -7.71
CA VAL E 147 58.72 9.06 -8.32
C VAL E 147 58.96 9.40 -9.80
N PRO E 148 60.19 9.26 -10.30
CA PRO E 148 60.43 9.53 -11.73
C PRO E 148 59.68 8.55 -12.61
N VAL E 149 59.30 9.04 -13.80
CA VAL E 149 58.53 8.23 -14.75
C VAL E 149 59.46 7.32 -15.53
N THR E 150 59.01 6.10 -15.78
CA THR E 150 59.73 5.15 -16.61
C THR E 150 58.74 4.19 -17.26
N PRO E 151 58.74 4.06 -18.58
CA PRO E 151 57.82 3.14 -19.24
C PRO E 151 58.25 1.69 -19.07
N GLY E 152 57.28 0.80 -19.22
CA GLY E 152 57.53 -0.62 -19.21
C GLY E 152 57.69 -1.25 -17.84
N GLU E 153 57.48 -0.48 -16.77
CA GLU E 153 57.64 -0.99 -15.41
C GLU E 153 56.29 -1.03 -14.72
N SER E 154 55.95 -2.19 -14.16
CA SER E 154 54.70 -2.34 -13.43
C SER E 154 54.71 -1.45 -12.19
N VAL E 155 53.55 -0.87 -11.87
CA VAL E 155 53.43 0.10 -10.79
C VAL E 155 52.75 -0.58 -9.60
N SER E 156 53.36 -0.45 -8.43
CA SER E 156 52.79 -0.94 -7.18
C SER E 156 52.98 0.13 -6.12
N ILE E 157 51.87 0.71 -5.66
CA ILE E 157 51.91 1.84 -4.74
C ILE E 157 51.13 1.47 -3.47
N SER E 158 51.70 1.82 -2.32
CA SER E 158 51.12 1.51 -1.03
C SER E 158 50.69 2.79 -0.32
N CYS E 159 49.73 2.65 0.58
CA CYS E 159 49.21 3.76 1.37
C CYS E 159 48.79 3.26 2.73
N ARG E 160 48.75 4.18 3.70
CA ARG E 160 48.40 3.85 5.07
C ARG E 160 47.34 4.82 5.58
N SER E 161 46.56 4.35 6.56
CA SER E 161 45.47 5.12 7.13
C SER E 161 45.74 5.42 8.60
N SER E 162 45.27 6.57 9.05
CA SER E 162 45.51 7.00 10.42
C SER E 162 44.67 6.21 11.41
N LYS E 163 43.40 5.94 11.08
CA LYS E 163 42.51 5.27 12.01
C LYS E 163 41.87 4.03 11.38
N SER E 164 40.87 3.47 12.06
CA SER E 164 40.24 2.25 11.59
C SER E 164 39.45 2.54 10.31
N LEU E 165 39.69 1.73 9.28
CA LEU E 165 39.00 1.92 8.01
C LEU E 165 37.58 1.38 8.04
N LEU E 166 37.33 0.32 8.82
CA LEU E 166 36.09 -0.43 8.75
C LEU E 166 35.04 0.22 9.64
N HIS E 167 34.06 0.87 9.02
CA HIS E 167 32.90 1.39 9.75
C HIS E 167 31.98 0.23 10.10
N SER E 168 31.17 0.44 11.16
CA SER E 168 30.27 -0.61 11.64
C SER E 168 29.32 -1.09 10.55
N ASN E 169 29.01 -0.23 9.57
CA ASN E 169 28.17 -0.66 8.46
C ASN E 169 28.89 -1.60 7.50
N GLY E 170 30.21 -1.71 7.61
CA GLY E 170 30.99 -2.57 6.73
C GLY E 170 31.37 -1.95 5.40
N ASN E 171 31.14 -0.65 5.21
CA ASN E 171 31.45 0.03 3.96
C ASN E 171 32.70 0.89 4.19
N THR E 172 33.87 0.30 3.99
CA THR E 172 35.11 1.05 4.11
C THR E 172 35.26 2.02 2.94
N TYR E 173 35.99 3.11 3.19
CA TYR E 173 36.21 4.14 2.18
C TYR E 173 37.59 3.90 1.57
N LEU E 174 37.60 3.40 0.33
CA LEU E 174 38.84 3.10 -0.39
C LEU E 174 38.75 3.76 -1.76
N TYR E 175 39.12 5.03 -1.86
CA TYR E 175 39.13 5.75 -3.11
C TYR E 175 40.52 5.70 -3.71
N TRP E 176 40.63 5.27 -4.97
CA TRP E 176 41.91 5.06 -5.65
C TRP E 176 41.93 5.83 -6.96
N PHE E 177 41.63 7.13 -6.89
CA PHE E 177 41.52 7.94 -8.10
C PHE E 177 42.82 7.92 -8.90
N LEU E 178 42.68 7.85 -10.23
CA LEU E 178 43.79 7.91 -11.15
C LEU E 178 43.61 9.11 -12.07
N GLN E 179 44.72 9.72 -12.47
CA GLN E 179 44.72 10.88 -13.34
C GLN E 179 45.69 10.64 -14.49
N ARG E 180 45.15 10.44 -15.68
CA ARG E 180 45.97 10.38 -16.87
C ARG E 180 46.55 11.77 -17.17
N PRO E 181 47.75 11.85 -17.75
CA PRO E 181 48.28 13.15 -18.16
C PRO E 181 47.34 13.84 -19.13
N GLY E 182 46.73 14.94 -18.71
CA GLY E 182 45.70 15.57 -19.50
C GLY E 182 44.82 16.52 -18.70
N GLN E 183 43.50 16.37 -18.82
CA GLN E 183 42.56 17.31 -18.25
C GLN E 183 41.76 16.77 -17.07
N SER E 184 41.33 15.51 -17.11
CA SER E 184 40.43 15.00 -16.08
C SER E 184 40.91 13.66 -15.55
N PRO E 185 40.60 13.36 -14.29
CA PRO E 185 40.96 12.07 -13.70
C PRO E 185 39.85 11.05 -13.91
N GLN E 186 40.12 9.82 -13.44
CA GLN E 186 39.17 8.73 -13.47
C GLN E 186 39.30 7.92 -12.19
N LEU E 187 38.25 7.16 -11.87
CA LEU E 187 38.25 6.37 -10.65
C LEU E 187 38.68 4.94 -10.95
N LEU E 188 39.39 4.33 -10.00
CA LEU E 188 39.87 2.97 -10.12
C LEU E 188 39.18 2.05 -9.11
N ILE E 189 39.26 2.39 -7.82
CA ILE E 189 38.60 1.65 -6.75
C ILE E 189 37.77 2.64 -5.94
N TYR E 190 36.52 2.28 -5.64
CA TYR E 190 35.64 3.18 -4.90
C TYR E 190 35.38 2.70 -3.47
N ARG E 191 34.96 1.44 -3.29
CA ARG E 191 34.67 0.95 -1.94
C ARG E 191 35.59 -0.19 -1.51
N MET E 192 35.59 -1.33 -2.23
CA MET E 192 36.44 -2.47 -1.87
C MET E 192 36.91 -3.17 -3.14
N SER E 193 38.08 -2.75 -3.64
CA SER E 193 38.76 -3.44 -4.75
C SER E 193 37.83 -3.70 -5.92
N ASN E 194 36.99 -2.72 -6.24
CA ASN E 194 36.02 -2.82 -7.33
C ASN E 194 36.36 -1.81 -8.41
N LEU E 195 36.41 -2.28 -9.66
CA LEU E 195 36.74 -1.42 -10.78
C LEU E 195 35.56 -0.51 -11.12
N ALA E 196 35.88 0.63 -11.74
CA ALA E 196 34.87 1.63 -12.09
C ALA E 196 34.53 1.52 -13.58
N SER E 197 33.70 2.45 -14.04
CA SER E 197 33.24 2.48 -15.42
C SER E 197 34.18 3.32 -16.27
N GLY E 198 34.23 3.00 -17.56
CA GLY E 198 35.06 3.74 -18.49
C GLY E 198 36.54 3.66 -18.18
N VAL E 199 37.04 2.48 -17.84
CA VAL E 199 38.44 2.30 -17.49
C VAL E 199 38.88 0.89 -17.92
N PRO E 200 40.09 0.72 -18.44
CA PRO E 200 40.56 -0.61 -18.81
C PRO E 200 40.75 -1.51 -17.58
N ASP E 201 40.72 -2.82 -17.83
CA ASP E 201 40.81 -3.81 -16.78
C ASP E 201 42.23 -4.02 -16.28
N ARG E 202 43.23 -3.39 -16.90
CA ARG E 202 44.61 -3.60 -16.48
C ARG E 202 44.86 -3.11 -15.05
N PHE E 203 44.14 -2.09 -14.62
CA PHE E 203 44.31 -1.56 -13.28
C PHE E 203 43.75 -2.53 -12.24
N SER E 204 44.23 -2.40 -11.00
CA SER E 204 43.72 -3.20 -9.91
C SER E 204 44.03 -2.50 -8.59
N GLY E 205 43.26 -2.87 -7.57
CA GLY E 205 43.46 -2.33 -6.23
C GLY E 205 43.17 -3.38 -5.19
N SER E 206 43.79 -3.21 -4.03
CA SER E 206 43.62 -4.15 -2.93
C SER E 206 44.01 -3.45 -1.63
N GLY E 207 43.56 -4.04 -0.52
CA GLY E 207 43.86 -3.51 0.79
C GLY E 207 43.98 -4.62 1.82
N SER E 208 44.74 -4.33 2.86
CA SER E 208 44.95 -5.28 3.95
C SER E 208 45.11 -4.48 5.25
N GLY E 209 44.08 -4.51 6.08
CA GLY E 209 44.12 -3.72 7.30
C GLY E 209 44.20 -2.24 6.99
N THR E 210 45.25 -1.59 7.47
CA THR E 210 45.50 -0.18 7.20
C THR E 210 46.41 0.02 6.00
N ALA E 211 46.77 -1.05 5.29
CA ALA E 211 47.64 -0.98 4.13
C ALA E 211 46.80 -1.13 2.87
N PHE E 212 46.86 -0.14 1.99
CA PHE E 212 46.12 -0.11 0.73
C PHE E 212 47.10 -0.16 -0.42
N THR E 213 46.72 -0.86 -1.51
CA THR E 213 47.62 -1.07 -2.63
C THR E 213 46.93 -0.77 -3.95
N LEU E 214 47.64 -0.06 -4.82
CA LEU E 214 47.26 0.11 -6.23
C LEU E 214 48.28 -0.63 -7.09
N THR E 215 47.78 -1.35 -8.09
CA THR E 215 48.62 -2.18 -8.95
C THR E 215 48.27 -1.94 -10.41
N ILE E 216 49.31 -1.79 -11.23
CA ILE E 216 49.18 -1.72 -12.69
C ILE E 216 50.21 -2.68 -13.25
N SER E 217 49.74 -3.72 -13.94
CA SER E 217 50.62 -4.76 -14.49
C SER E 217 51.01 -4.45 -15.93
N ARG E 218 50.02 -4.32 -16.81
CA ARG E 218 50.27 -3.98 -18.20
C ARG E 218 50.43 -2.47 -18.34
N LEU E 219 51.39 -2.07 -19.15
CA LEU E 219 51.69 -0.66 -19.38
C LEU E 219 51.42 -0.28 -20.83
N GLU E 220 51.10 0.99 -21.03
CA GLU E 220 50.82 1.53 -22.35
C GLU E 220 51.03 3.03 -22.30
N ALA E 221 50.67 3.72 -23.40
CA ALA E 221 50.79 5.17 -23.44
C ALA E 221 49.80 5.86 -22.52
N GLU E 222 48.79 5.15 -22.03
CA GLU E 222 47.79 5.72 -21.14
C GLU E 222 47.81 5.12 -19.74
N ASP E 223 48.59 4.07 -19.51
CA ASP E 223 48.61 3.44 -18.19
C ASP E 223 49.39 4.28 -17.19
N VAL E 224 50.35 5.08 -17.65
CA VAL E 224 51.18 5.89 -16.75
C VAL E 224 50.43 7.17 -16.39
N GLY E 225 50.35 7.44 -15.10
CA GLY E 225 49.67 8.63 -14.65
C GLY E 225 49.93 8.88 -13.17
N VAL E 226 49.13 9.79 -12.60
CA VAL E 226 49.20 10.13 -11.19
C VAL E 226 48.12 9.34 -10.46
N TYR E 227 48.35 9.08 -9.17
CA TYR E 227 47.42 8.29 -8.37
C TYR E 227 47.19 8.96 -7.02
N TYR E 228 45.99 8.78 -6.49
CA TYR E 228 45.61 9.39 -5.23
C TYR E 228 44.61 8.48 -4.51
N CYS E 229 44.55 8.62 -3.19
CA CYS E 229 43.69 7.76 -2.38
C CYS E 229 42.93 8.60 -1.34
N MET E 230 41.71 8.15 -1.04
CA MET E 230 40.91 8.69 0.05
C MET E 230 40.42 7.58 0.97
N GLN E 231 40.40 7.89 2.27
CA GLN E 231 39.76 7.06 3.29
C GLN E 231 39.26 8.02 4.36
N HIS E 232 37.99 8.42 4.25
CA HIS E 232 37.45 9.51 5.09
C HIS E 232 36.09 9.08 5.61
N LEU E 233 36.01 8.81 6.92
CA LEU E 233 34.72 8.56 7.55
C LEU E 233 33.97 9.84 7.88
N GLU E 234 34.66 10.98 7.87
CA GLU E 234 34.06 12.26 8.24
C GLU E 234 33.83 13.11 6.99
N TYR E 235 33.29 14.30 7.22
CA TYR E 235 33.00 15.21 6.11
C TYR E 235 34.22 15.65 5.30
N PRO E 236 35.36 16.03 5.91
CA PRO E 236 36.45 16.56 5.08
C PRO E 236 37.11 15.45 4.27
N LEU E 237 37.19 15.67 2.95
CA LEU E 237 37.83 14.75 2.03
C LEU E 237 39.07 15.43 1.45
N THR E 238 40.22 14.76 1.55
CA THR E 238 41.48 15.34 1.09
C THR E 238 42.45 14.22 0.74
N PHE E 239 43.05 14.29 -0.45
CA PHE E 239 44.03 13.32 -0.88
C PHE E 239 45.28 13.38 0.00
N GLY E 240 46.20 12.47 -0.28
CA GLY E 240 47.52 12.46 0.35
C GLY E 240 48.52 13.24 -0.45
N ALA E 241 49.80 12.91 -0.26
CA ALA E 241 50.86 13.55 -1.01
C ALA E 241 50.78 13.15 -2.48
N GLY E 242 51.11 14.10 -3.36
CA GLY E 242 51.08 13.83 -4.78
C GLY E 242 52.09 12.77 -5.17
N THR E 243 51.66 11.79 -5.96
CA THR E 243 52.51 10.71 -6.43
C THR E 243 52.62 10.77 -7.96
N LYS E 244 52.89 11.97 -8.46
CA LYS E 244 53.00 12.18 -9.90
C LYS E 244 54.24 11.49 -10.45
N LEU E 245 54.03 10.52 -11.34
CA LEU E 245 55.16 9.86 -11.98
C LEU E 245 55.92 10.83 -12.89
N GLU E 246 55.20 11.73 -13.56
CA GLU E 246 55.84 12.69 -14.46
C GLU E 246 56.78 13.65 -13.73
N LEU E 247 56.66 13.76 -12.41
CA LEU E 247 57.55 14.63 -11.64
C LEU E 247 58.85 13.91 -11.29
CAA 9GF F . -19.98 25.48 38.62
CAB 9GF F . -19.56 24.15 38.00
CAC 9GF F . -20.66 23.55 37.12
CAD 9GF F . -20.63 22.02 37.10
CAE 9GF F . -22.03 21.39 37.15
CAF 9GF F . -22.13 20.28 38.23
CAG 9GF F . -23.55 20.11 38.84
CAH 9GF F . -24.14 18.77 38.40
CAI 9GF F . -24.45 21.22 38.39
CAJ 9GF F . -23.43 20.15 40.42
CAK 9GF F . -22.54 21.06 41.02
CAL 9GF F . -22.42 21.11 42.43
CAM 9GF F . -23.19 20.26 43.22
CAN 9GF F . -23.07 20.31 44.77
CAO 9GF F . -23.68 21.72 44.73
CAP 9GF F . -23.88 22.29 46.14
CAR 9GF F . -22.61 22.21 46.99
CAS 9GF F . -22.02 20.81 47.01
CAT 9GF F . -21.78 20.28 45.59
CAU 9GF F . -21.29 18.84 45.69
CAV 9GF F . -20.46 18.44 44.45
CAW 9GF F . -19.05 18.01 44.81
CAY 9GF F . -24.08 19.36 42.62
CBA 9GF F . -24.20 19.31 41.21
OAQ 9GF F . -24.27 23.64 46.02
OAX 9GF F . -18.38 17.68 43.63
OAZ 9GF F . -24.85 18.52 43.41
C10 7IC G . -8.89 14.71 38.76
C4 7IC G . -6.20 15.60 37.24
C5 7IC G . -7.61 16.06 36.88
C6 7IC G . -8.58 15.91 38.06
C7 7IC G . -9.32 16.92 38.67
C9 7IC G . -9.80 15.05 39.73
C11 7IC G . -8.48 13.36 38.63
C12 7IC G . -8.99 12.39 39.49
C13 7IC G . -9.89 12.74 40.48
C14 7IC G . -10.30 14.06 40.61
C15 7IC G . -10.45 11.68 41.42
C16 7IC G . -9.33 18.26 38.31
C17 7IC G . -9.82 18.66 37.08
C18 7IC G . -9.82 20.00 36.73
C19 7IC G . -9.33 20.94 37.62
C20 7IC G . -8.84 20.54 38.86
C21 7IC G . -8.84 19.21 39.20
C22 7IC G . -8.19 15.27 35.70
C23 7IC G . -9.28 15.63 34.93
C24 7IC G . -9.62 14.74 33.92
C25 7IC G . -8.82 13.63 33.81
N2 7IC G . -5.29 16.72 37.19
N8 7IC G . -10.02 16.39 39.65
O1 7IC G . -5.10 17.43 35.99
O3 7IC G . -4.70 17.04 38.16
S26 7IC G . -7.64 13.77 35.07
#